data_6WQL
#
_entry.id   6WQL
#
_entity_poly.entity_id   1
_entity_poly.type   'polypeptide(L)'
_entity_poly.pdbx_seq_one_letter_code
;(PCA)RGSPRAEYEVCRLRCQVAERGVEQQRKCEQVCEERLREREQGRGEDVD
;
_entity_poly.pdbx_strand_id   A
#
# COMPACT_ATOMS: atom_id res chain seq x y z
N ARG A 2 -3.76 10.42 10.98
CA ARG A 2 -3.71 10.18 9.54
C ARG A 2 -2.76 9.02 9.25
N GLY A 3 -1.66 9.00 9.95
CA GLY A 3 -0.72 7.95 9.79
C GLY A 3 0.31 8.26 8.74
N SER A 4 1.32 7.49 8.73
CA SER A 4 2.38 7.61 7.76
C SER A 4 2.04 6.67 6.59
N PRO A 5 1.90 7.22 5.37
CA PRO A 5 1.47 6.44 4.17
C PRO A 5 2.34 5.23 3.91
N ARG A 6 3.65 5.38 4.05
CA ARG A 6 4.56 4.29 3.78
C ARG A 6 4.48 3.22 4.85
N ALA A 7 4.17 3.62 6.08
CA ALA A 7 4.01 2.66 7.17
C ALA A 7 2.78 1.81 6.90
N GLU A 8 1.68 2.48 6.54
CA GLU A 8 0.43 1.80 6.19
C GLU A 8 0.66 0.86 5.00
N TYR A 9 1.41 1.37 4.03
CA TYR A 9 1.81 0.63 2.84
C TYR A 9 2.57 -0.64 3.24
N GLU A 10 3.53 -0.49 4.14
CA GLU A 10 4.30 -1.62 4.64
C GLU A 10 3.44 -2.58 5.44
N VAL A 11 2.53 -2.06 6.28
CA VAL A 11 1.62 -2.91 7.05
C VAL A 11 0.78 -3.78 6.10
N CYS A 12 0.28 -3.15 5.06
CA CYS A 12 -0.48 -3.79 4.00
C CYS A 12 0.26 -5.01 3.44
N ARG A 13 1.55 -4.86 3.25
CA ARG A 13 2.37 -5.91 2.71
C ARG A 13 2.69 -6.93 3.78
N LEU A 14 3.04 -6.44 4.95
CA LEU A 14 3.40 -7.24 6.11
C LEU A 14 2.31 -8.25 6.46
N ARG A 15 1.05 -7.80 6.39
CA ARG A 15 -0.09 -8.68 6.67
C ARG A 15 -0.05 -9.91 5.78
N CYS A 16 0.26 -9.68 4.53
CA CYS A 16 0.30 -10.74 3.55
C CYS A 16 1.55 -11.58 3.70
N GLN A 17 2.64 -10.96 4.09
CA GLN A 17 3.90 -11.68 4.26
C GLN A 17 3.82 -12.66 5.42
N VAL A 18 3.14 -12.27 6.47
CA VAL A 18 3.01 -13.10 7.64
C VAL A 18 1.83 -14.08 7.52
N ALA A 19 0.66 -13.58 7.13
CA ALA A 19 -0.55 -14.40 7.11
C ALA A 19 -0.77 -15.18 5.82
N GLU A 20 -0.68 -14.53 4.68
CA GLU A 20 -1.05 -15.18 3.43
C GLU A 20 0.14 -15.34 2.52
N ARG A 21 0.85 -16.42 2.66
CA ARG A 21 2.05 -16.60 1.90
C ARG A 21 1.80 -17.28 0.56
N GLY A 22 1.24 -16.50 -0.33
CA GLY A 22 0.99 -16.91 -1.67
C GLY A 22 1.54 -15.88 -2.59
N VAL A 23 2.17 -16.31 -3.66
CA VAL A 23 2.88 -15.40 -4.56
C VAL A 23 1.97 -14.28 -5.14
N GLU A 24 0.87 -14.66 -5.78
CA GLU A 24 0.02 -13.69 -6.42
C GLU A 24 -0.74 -12.86 -5.41
N GLN A 25 -1.08 -13.47 -4.29
CA GLN A 25 -1.78 -12.76 -3.23
C GLN A 25 -0.93 -11.61 -2.73
N GLN A 26 0.31 -11.92 -2.38
CA GLN A 26 1.25 -10.93 -1.86
C GLN A 26 1.58 -9.88 -2.91
N ARG A 27 1.58 -10.29 -4.19
CA ARG A 27 1.80 -9.34 -5.28
C ARG A 27 0.68 -8.32 -5.28
N LYS A 28 -0.56 -8.83 -5.23
CA LYS A 28 -1.75 -7.99 -5.23
C LYS A 28 -1.77 -7.06 -4.03
N CYS A 29 -1.36 -7.59 -2.88
CA CYS A 29 -1.28 -6.80 -1.65
C CYS A 29 -0.49 -5.51 -1.86
N GLU A 30 0.76 -5.62 -2.27
CA GLU A 30 1.57 -4.44 -2.43
C GLU A 30 1.16 -3.62 -3.64
N GLN A 31 0.73 -4.26 -4.71
CA GLN A 31 0.32 -3.55 -5.92
C GLN A 31 -0.93 -2.68 -5.68
N VAL A 32 -1.93 -3.25 -5.02
CA VAL A 32 -3.18 -2.52 -4.73
C VAL A 32 -2.92 -1.37 -3.74
N CYS A 33 -2.00 -1.57 -2.83
CA CYS A 33 -1.65 -0.51 -1.93
C CYS A 33 -0.77 0.55 -2.60
N GLU A 34 0.09 0.12 -3.51
CA GLU A 34 0.97 1.03 -4.26
C GLU A 34 0.13 1.96 -5.15
N GLU A 35 -0.90 1.42 -5.78
CA GLU A 35 -1.78 2.24 -6.62
C GLU A 35 -2.60 3.24 -5.78
N ARG A 36 -2.81 2.91 -4.51
CA ARG A 36 -3.48 3.83 -3.57
C ARG A 36 -2.52 4.99 -3.28
N LEU A 37 -1.26 4.62 -3.10
CA LEU A 37 -0.17 5.57 -2.86
C LEU A 37 -0.02 6.54 -4.01
N ARG A 38 -0.28 6.07 -5.22
CA ARG A 38 -0.24 6.91 -6.42
C ARG A 38 -1.20 8.07 -6.27
N GLU A 39 -2.42 7.77 -5.85
CA GLU A 39 -3.45 8.80 -5.68
C GLU A 39 -3.13 9.71 -4.51
N ARG A 40 -2.44 9.16 -3.55
CA ARG A 40 -2.00 9.91 -2.40
C ARG A 40 -0.95 10.93 -2.80
N GLU A 41 0.02 10.50 -3.56
CA GLU A 41 1.14 11.34 -3.95
C GLU A 41 0.80 12.26 -5.12
N GLN A 42 -0.15 11.87 -5.93
CA GLN A 42 -0.61 12.71 -7.03
C GLN A 42 -1.71 13.64 -6.54
N GLY A 43 -2.08 13.50 -5.29
CA GLY A 43 -3.13 14.29 -4.75
C GLY A 43 -2.87 14.70 -3.32
N ARG A 44 -1.76 15.36 -3.09
CA ARG A 44 -1.50 15.94 -1.79
C ARG A 44 -2.02 17.35 -1.82
N GLY A 45 -2.90 17.66 -0.91
CA GLY A 45 -3.46 18.99 -0.86
C GLY A 45 -2.85 19.72 0.29
N GLU A 46 -3.66 20.35 1.09
CA GLU A 46 -3.15 20.92 2.30
C GLU A 46 -3.22 19.90 3.40
N ASP A 47 -2.37 18.91 3.28
CA ASP A 47 -2.31 17.85 4.23
C ASP A 47 -1.37 18.21 5.34
N VAL A 48 -0.31 18.91 4.95
CA VAL A 48 0.78 19.29 5.83
C VAL A 48 1.61 18.07 6.14
N ASP A 49 2.59 17.84 5.30
CA ASP A 49 3.45 16.70 5.42
C ASP A 49 4.79 17.07 4.88
N ARG A 2 2.79 10.36 10.98
CA ARG A 2 2.38 9.21 11.80
C ARG A 2 1.72 8.14 10.94
N GLY A 3 0.43 8.28 10.69
CA GLY A 3 -0.30 7.38 9.83
C GLY A 3 -0.07 7.76 8.39
N SER A 4 1.15 7.68 7.99
CA SER A 4 1.62 8.08 6.70
C SER A 4 1.32 6.99 5.65
N PRO A 5 1.27 7.37 4.36
CA PRO A 5 0.98 6.45 3.25
C PRO A 5 1.86 5.20 3.25
N ARG A 6 3.18 5.37 3.36
CA ARG A 6 4.07 4.22 3.36
C ARG A 6 3.94 3.40 4.64
N ALA A 7 3.58 4.06 5.71
CA ALA A 7 3.40 3.39 6.98
C ALA A 7 2.24 2.40 6.88
N GLU A 8 1.12 2.88 6.35
CA GLU A 8 -0.06 2.05 6.14
C GLU A 8 0.24 1.00 5.07
N TYR A 9 1.06 1.39 4.10
CA TYR A 9 1.51 0.54 3.00
C TYR A 9 2.23 -0.69 3.51
N GLU A 10 3.20 -0.48 4.37
CA GLU A 10 3.97 -1.57 4.88
C GLU A 10 3.13 -2.47 5.76
N VAL A 11 2.20 -1.90 6.53
CA VAL A 11 1.26 -2.71 7.32
C VAL A 11 0.41 -3.58 6.36
N CYS A 12 0.05 -2.98 5.23
CA CYS A 12 -0.72 -3.63 4.16
C CYS A 12 -0.04 -4.90 3.65
N ARG A 13 1.26 -4.84 3.38
CA ARG A 13 1.97 -6.03 2.91
C ARG A 13 2.26 -6.97 4.08
N LEU A 14 2.52 -6.39 5.27
CA LEU A 14 2.74 -7.19 6.48
C LEU A 14 1.57 -8.11 6.78
N ARG A 15 0.35 -7.65 6.46
CA ARG A 15 -0.85 -8.48 6.62
C ARG A 15 -0.67 -9.81 5.94
N CYS A 16 -0.21 -9.76 4.72
CA CYS A 16 -0.03 -10.92 3.88
C CYS A 16 1.22 -11.71 4.28
N GLN A 17 2.18 -11.03 4.86
CA GLN A 17 3.41 -11.67 5.29
C GLN A 17 3.19 -12.44 6.59
N VAL A 18 2.35 -11.90 7.45
CA VAL A 18 1.99 -12.56 8.70
C VAL A 18 1.02 -13.72 8.40
N ALA A 19 0.18 -13.54 7.41
CA ALA A 19 -0.79 -14.57 7.00
C ALA A 19 -0.12 -15.67 6.22
N GLU A 20 1.06 -15.34 5.67
CA GLU A 20 1.91 -16.24 4.92
C GLU A 20 1.26 -16.66 3.60
N ARG A 21 1.60 -15.93 2.56
CA ARG A 21 1.00 -16.10 1.24
C ARG A 21 2.13 -16.19 0.23
N GLY A 22 1.82 -16.68 -0.95
CA GLY A 22 2.82 -16.77 -2.01
C GLY A 22 3.31 -15.40 -2.46
N VAL A 23 4.48 -15.37 -3.07
CA VAL A 23 5.11 -14.12 -3.52
C VAL A 23 4.19 -13.31 -4.45
N GLU A 24 3.48 -14.00 -5.35
CA GLU A 24 2.56 -13.33 -6.26
C GLU A 24 1.41 -12.73 -5.51
N GLN A 25 1.03 -13.39 -4.44
CA GLN A 25 -0.05 -12.93 -3.61
C GLN A 25 0.41 -11.70 -2.84
N GLN A 26 1.66 -11.74 -2.34
CA GLN A 26 2.28 -10.59 -1.64
C GLN A 26 2.32 -9.39 -2.60
N ARG A 27 2.70 -9.66 -3.85
CA ARG A 27 2.76 -8.64 -4.88
C ARG A 27 1.39 -8.03 -5.18
N LYS A 28 0.34 -8.81 -5.00
CA LYS A 28 -1.02 -8.29 -5.17
C LYS A 28 -1.45 -7.51 -3.95
N CYS A 29 -0.95 -7.92 -2.79
CA CYS A 29 -1.20 -7.22 -1.55
C CYS A 29 -0.61 -5.82 -1.65
N GLU A 30 0.63 -5.76 -2.12
CA GLU A 30 1.31 -4.51 -2.33
C GLU A 30 0.62 -3.70 -3.42
N GLN A 31 0.28 -4.36 -4.54
CA GLN A 31 -0.34 -3.74 -5.74
C GLN A 31 -1.48 -2.78 -5.37
N VAL A 32 -2.45 -3.30 -4.62
CA VAL A 32 -3.63 -2.53 -4.22
C VAL A 32 -3.23 -1.26 -3.46
N CYS A 33 -2.37 -1.42 -2.50
CA CYS A 33 -1.93 -0.31 -1.70
C CYS A 33 -1.00 0.63 -2.48
N GLU A 34 -0.23 0.05 -3.40
CA GLU A 34 0.68 0.80 -4.27
C GLU A 34 -0.12 1.73 -5.17
N GLU A 35 -1.26 1.28 -5.64
CA GLU A 35 -2.12 2.11 -6.46
C GLU A 35 -2.66 3.31 -5.70
N ARG A 36 -2.75 3.19 -4.38
CA ARG A 36 -3.20 4.31 -3.55
C ARG A 36 -2.05 5.29 -3.36
N LEU A 37 -0.86 4.77 -3.29
CA LEU A 37 0.32 5.61 -3.18
C LEU A 37 0.59 6.30 -4.48
N ARG A 38 0.24 5.63 -5.56
CA ARG A 38 0.28 6.18 -6.89
C ARG A 38 -0.54 7.49 -6.92
N GLU A 39 -1.66 7.47 -6.20
CA GLU A 39 -2.52 8.62 -6.09
C GLU A 39 -1.82 9.74 -5.30
N ARG A 40 -0.97 9.36 -4.35
CA ARG A 40 -0.35 10.34 -3.50
C ARG A 40 0.94 10.91 -4.04
N GLU A 41 1.72 10.08 -4.71
CA GLU A 41 2.98 10.54 -5.28
C GLU A 41 2.73 11.40 -6.52
N GLN A 42 1.60 11.16 -7.19
CA GLN A 42 1.22 11.97 -8.32
C GLN A 42 0.42 13.17 -7.81
N GLY A 43 -0.13 13.01 -6.63
CA GLY A 43 -0.95 14.03 -6.03
C GLY A 43 -0.18 14.82 -5.02
N ARG A 44 0.56 15.79 -5.50
CA ARG A 44 1.35 16.67 -4.66
C ARG A 44 0.40 17.62 -3.94
N GLY A 45 -0.58 18.07 -4.67
CA GLY A 45 -1.59 18.93 -4.16
C GLY A 45 -2.92 18.52 -4.71
N GLU A 46 -3.97 18.94 -4.08
CA GLU A 46 -5.31 18.59 -4.53
C GLU A 46 -5.73 19.48 -5.68
N ASP A 47 -5.14 20.67 -5.70
CA ASP A 47 -5.34 21.70 -6.73
C ASP A 47 -6.82 22.01 -6.92
N VAL A 48 -7.34 22.80 -6.00
CA VAL A 48 -8.74 23.20 -6.03
C VAL A 48 -8.77 24.69 -6.39
N ASP A 49 -7.60 25.23 -6.56
CA ASP A 49 -7.42 26.63 -6.87
C ASP A 49 -7.47 26.85 -8.35
N ARG A 2 -0.01 6.52 11.95
CA ARG A 2 -1.35 6.58 11.42
C ARG A 2 -1.51 7.79 10.51
N GLY A 3 -1.93 7.54 9.31
CA GLY A 3 -2.12 8.61 8.36
C GLY A 3 -1.00 8.67 7.34
N SER A 4 0.13 8.08 7.66
CA SER A 4 1.25 8.10 6.75
C SER A 4 1.19 6.88 5.80
N PRO A 5 1.02 7.14 4.49
CA PRO A 5 0.81 6.09 3.49
C PRO A 5 1.90 5.02 3.44
N ARG A 6 3.17 5.42 3.61
CA ARG A 6 4.27 4.45 3.50
C ARG A 6 4.31 3.51 4.71
N ALA A 7 3.81 4.00 5.83
CA ALA A 7 3.76 3.20 7.03
C ALA A 7 2.73 2.12 6.85
N GLU A 8 1.55 2.55 6.43
CA GLU A 8 0.42 1.67 6.16
C GLU A 8 0.79 0.67 5.06
N TYR A 9 1.48 1.18 4.06
CA TYR A 9 1.93 0.44 2.89
C TYR A 9 2.70 -0.82 3.28
N GLU A 10 3.74 -0.63 4.07
CA GLU A 10 4.57 -1.74 4.50
C GLU A 10 3.77 -2.70 5.39
N VAL A 11 2.83 -2.15 6.15
CA VAL A 11 1.97 -2.97 6.99
C VAL A 11 1.02 -3.81 6.11
N CYS A 12 0.47 -3.18 5.07
CA CYS A 12 -0.36 -3.84 4.06
C CYS A 12 0.36 -5.05 3.50
N ARG A 13 1.61 -4.85 3.15
CA ARG A 13 2.44 -5.90 2.61
C ARG A 13 2.69 -6.97 3.67
N LEU A 14 3.06 -6.51 4.86
CA LEU A 14 3.35 -7.37 6.01
C LEU A 14 2.19 -8.29 6.36
N ARG A 15 0.98 -7.76 6.34
CA ARG A 15 -0.22 -8.55 6.60
C ARG A 15 -0.32 -9.69 5.62
N CYS A 16 -0.11 -9.39 4.37
CA CYS A 16 -0.20 -10.37 3.33
C CYS A 16 0.98 -11.34 3.32
N GLN A 17 2.17 -10.86 3.71
CA GLN A 17 3.35 -11.73 3.75
C GLN A 17 3.16 -12.85 4.78
N VAL A 18 2.39 -12.56 5.80
CA VAL A 18 2.14 -13.52 6.86
C VAL A 18 0.85 -14.34 6.60
N ALA A 19 -0.23 -13.64 6.27
CA ALA A 19 -1.52 -14.28 6.12
C ALA A 19 -1.71 -14.96 4.76
N GLU A 20 -1.39 -14.27 3.69
CA GLU A 20 -1.60 -14.82 2.37
C GLU A 20 -0.51 -15.83 2.06
N ARG A 21 -0.90 -17.04 1.74
CA ARG A 21 0.07 -18.09 1.47
C ARG A 21 0.41 -18.18 0.01
N GLY A 22 -0.20 -17.35 -0.76
CA GLY A 22 0.11 -17.29 -2.16
C GLY A 22 0.94 -16.08 -2.43
N VAL A 23 1.95 -16.22 -3.26
CA VAL A 23 2.86 -15.13 -3.54
C VAL A 23 2.18 -14.11 -4.43
N GLU A 24 1.30 -14.58 -5.31
CA GLU A 24 0.55 -13.70 -6.17
C GLU A 24 -0.30 -12.77 -5.35
N GLN A 25 -0.87 -13.31 -4.27
CA GLN A 25 -1.75 -12.56 -3.40
C GLN A 25 -0.95 -11.49 -2.69
N GLN A 26 0.20 -11.89 -2.19
CA GLN A 26 1.14 -10.99 -1.52
C GLN A 26 1.56 -9.86 -2.48
N ARG A 27 1.81 -10.21 -3.73
CA ARG A 27 2.15 -9.23 -4.75
C ARG A 27 0.96 -8.33 -5.07
N LYS A 28 -0.22 -8.92 -5.18
CA LYS A 28 -1.45 -8.16 -5.43
C LYS A 28 -1.73 -7.20 -4.29
N CYS A 29 -1.39 -7.61 -3.10
CA CYS A 29 -1.46 -6.75 -1.92
C CYS A 29 -0.59 -5.51 -2.12
N GLU A 30 0.62 -5.71 -2.61
CA GLU A 30 1.53 -4.62 -2.90
C GLU A 30 0.94 -3.74 -3.98
N GLN A 31 0.47 -4.39 -5.04
CA GLN A 31 -0.15 -3.72 -6.17
C GLN A 31 -1.33 -2.84 -5.73
N VAL A 32 -2.32 -3.44 -5.08
CA VAL A 32 -3.53 -2.73 -4.64
C VAL A 32 -3.19 -1.58 -3.68
N CYS A 33 -2.23 -1.78 -2.80
CA CYS A 33 -1.84 -0.70 -1.91
C CYS A 33 -1.03 0.37 -2.64
N GLU A 34 -0.27 -0.03 -3.65
CA GLU A 34 0.51 0.90 -4.46
C GLU A 34 -0.42 1.79 -5.28
N GLU A 35 -1.51 1.20 -5.78
CA GLU A 35 -2.52 1.94 -6.54
C GLU A 35 -3.13 3.05 -5.69
N ARG A 36 -3.15 2.84 -4.39
CA ARG A 36 -3.69 3.83 -3.47
C ARG A 36 -2.63 4.91 -3.19
N LEU A 37 -1.38 4.49 -3.11
CA LEU A 37 -0.26 5.42 -2.90
C LEU A 37 0.05 6.24 -4.15
N ARG A 38 -0.41 5.77 -5.30
CA ARG A 38 -0.22 6.45 -6.58
C ARG A 38 -0.63 7.93 -6.50
N GLU A 39 -1.71 8.17 -5.73
CA GLU A 39 -2.26 9.51 -5.50
C GLU A 39 -1.20 10.40 -4.83
N ARG A 40 -0.34 9.80 -4.05
CA ARG A 40 0.66 10.51 -3.30
C ARG A 40 1.95 10.62 -4.08
N GLU A 41 2.18 9.69 -4.98
CA GLU A 41 3.39 9.67 -5.78
C GLU A 41 3.33 10.75 -6.85
N GLN A 42 2.17 10.88 -7.46
CA GLN A 42 1.97 11.83 -8.54
C GLN A 42 1.20 13.05 -8.02
N GLY A 43 1.13 13.19 -6.73
CA GLY A 43 0.41 14.27 -6.13
C GLY A 43 1.11 14.76 -4.89
N ARG A 44 0.35 15.26 -3.96
CA ARG A 44 0.89 15.77 -2.72
C ARG A 44 1.14 14.64 -1.76
N GLY A 45 2.36 14.20 -1.74
CA GLY A 45 2.75 13.09 -0.91
C GLY A 45 2.82 13.45 0.54
N GLU A 46 3.43 14.60 0.82
CA GLU A 46 3.61 15.13 2.19
C GLU A 46 4.43 14.23 3.08
N ASP A 47 3.83 13.17 3.49
CA ASP A 47 4.44 12.16 4.35
C ASP A 47 5.53 11.47 3.58
N VAL A 48 5.27 11.26 2.32
CA VAL A 48 6.21 10.61 1.46
C VAL A 48 6.89 11.61 0.53
N ASP A 49 8.12 11.33 0.18
CA ASP A 49 8.91 12.16 -0.71
C ASP A 49 9.68 11.27 -1.65
N ARG A 2 4.52 12.41 10.65
CA ARG A 2 3.47 11.42 10.47
C ARG A 2 2.85 11.60 9.09
N GLY A 3 2.02 10.67 8.69
CA GLY A 3 1.43 10.74 7.37
C GLY A 3 2.38 10.22 6.32
N SER A 4 3.19 9.28 6.72
CA SER A 4 4.20 8.71 5.88
C SER A 4 3.59 7.57 5.05
N PRO A 5 3.53 7.72 3.71
CA PRO A 5 2.90 6.72 2.82
C PRO A 5 3.48 5.30 2.99
N ARG A 6 4.80 5.21 3.16
CA ARG A 6 5.46 3.92 3.27
C ARG A 6 5.09 3.18 4.55
N ALA A 7 4.77 3.93 5.60
CA ALA A 7 4.41 3.33 6.88
C ALA A 7 3.19 2.45 6.73
N GLU A 8 2.10 3.04 6.25
CA GLU A 8 0.86 2.31 6.01
C GLU A 8 1.04 1.29 4.89
N TYR A 9 1.88 1.63 3.92
CA TYR A 9 2.19 0.75 2.79
C TYR A 9 2.74 -0.57 3.28
N GLU A 10 3.74 -0.49 4.15
CA GLU A 10 4.36 -1.67 4.67
C GLU A 10 3.42 -2.45 5.60
N VAL A 11 2.53 -1.74 6.33
CA VAL A 11 1.53 -2.42 7.18
C VAL A 11 0.56 -3.19 6.28
N CYS A 12 0.17 -2.54 5.20
CA CYS A 12 -0.72 -3.11 4.21
C CYS A 12 -0.15 -4.41 3.66
N ARG A 13 1.16 -4.43 3.37
CA ARG A 13 1.81 -5.64 2.88
C ARG A 13 1.86 -6.67 3.98
N LEU A 14 2.22 -6.24 5.18
CA LEU A 14 2.36 -7.10 6.37
C LEU A 14 1.11 -7.94 6.62
N ARG A 15 -0.05 -7.30 6.48
CA ARG A 15 -1.35 -7.97 6.66
C ARG A 15 -1.47 -9.15 5.69
N CYS A 16 -1.11 -8.90 4.44
CA CYS A 16 -1.16 -9.93 3.43
C CYS A 16 -0.08 -10.96 3.62
N GLN A 17 1.08 -10.56 4.11
CA GLN A 17 2.19 -11.49 4.26
C GLN A 17 1.91 -12.60 5.26
N VAL A 18 1.11 -12.31 6.25
CA VAL A 18 0.76 -13.32 7.22
C VAL A 18 -0.53 -14.08 6.80
N ALA A 19 -1.40 -13.42 6.05
CA ALA A 19 -2.65 -14.04 5.61
C ALA A 19 -2.44 -14.86 4.34
N GLU A 20 -1.78 -14.26 3.39
CA GLU A 20 -1.49 -14.85 2.11
C GLU A 20 -0.08 -15.38 2.17
N ARG A 21 0.11 -16.64 1.96
CA ARG A 21 1.46 -17.16 1.92
C ARG A 21 1.88 -17.44 0.50
N GLY A 22 0.99 -17.13 -0.40
CA GLY A 22 1.27 -17.26 -1.79
C GLY A 22 2.12 -16.12 -2.26
N VAL A 23 3.06 -16.42 -3.11
CA VAL A 23 4.01 -15.45 -3.60
C VAL A 23 3.32 -14.36 -4.41
N GLU A 24 2.55 -14.78 -5.42
CA GLU A 24 1.84 -13.82 -6.26
C GLU A 24 0.78 -13.06 -5.46
N GLN A 25 0.26 -13.73 -4.45
CA GLN A 25 -0.77 -13.19 -3.59
C GLN A 25 -0.23 -11.98 -2.83
N GLN A 26 0.94 -12.17 -2.22
CA GLN A 26 1.61 -11.06 -1.53
C GLN A 26 2.05 -10.00 -2.52
N ARG A 27 2.55 -10.44 -3.67
CA ARG A 27 2.98 -9.56 -4.74
C ARG A 27 1.87 -8.60 -5.17
N LYS A 28 0.70 -9.16 -5.49
CA LYS A 28 -0.44 -8.35 -5.88
C LYS A 28 -0.90 -7.44 -4.76
N CYS A 29 -0.82 -7.92 -3.52
CA CYS A 29 -1.13 -7.09 -2.37
C CYS A 29 -0.27 -5.84 -2.34
N GLU A 30 1.04 -6.02 -2.51
CA GLU A 30 1.99 -4.89 -2.49
C GLU A 30 1.61 -3.88 -3.56
N GLN A 31 1.21 -4.41 -4.70
CA GLN A 31 0.81 -3.61 -5.83
C GLN A 31 -0.48 -2.84 -5.52
N VAL A 32 -1.47 -3.49 -4.93
CA VAL A 32 -2.73 -2.85 -4.58
C VAL A 32 -2.50 -1.80 -3.47
N CYS A 33 -1.57 -2.08 -2.57
CA CYS A 33 -1.20 -1.12 -1.54
C CYS A 33 -0.51 0.08 -2.19
N GLU A 34 0.19 -0.17 -3.29
CA GLU A 34 0.85 0.85 -4.06
C GLU A 34 -0.19 1.66 -4.83
N GLU A 35 -1.24 0.99 -5.26
CA GLU A 35 -2.36 1.65 -5.90
C GLU A 35 -3.08 2.53 -4.87
N ARG A 36 -3.04 2.08 -3.62
CA ARG A 36 -3.62 2.83 -2.50
C ARG A 36 -2.73 4.05 -2.23
N LEU A 37 -1.49 3.97 -2.64
CA LEU A 37 -0.60 5.11 -2.54
C LEU A 37 -0.75 6.04 -3.72
N ARG A 38 -1.09 5.49 -4.88
CA ARG A 38 -1.37 6.31 -6.06
C ARG A 38 -2.47 7.28 -5.71
N GLU A 39 -3.56 6.74 -5.17
CA GLU A 39 -4.67 7.54 -4.75
C GLU A 39 -4.32 8.38 -3.51
N ARG A 40 -3.31 7.96 -2.73
CA ARG A 40 -2.95 8.67 -1.52
C ARG A 40 -2.30 10.00 -1.89
N GLU A 41 -1.47 9.96 -2.93
CA GLU A 41 -0.77 11.14 -3.41
C GLU A 41 -1.67 11.95 -4.34
N GLN A 42 -2.66 11.30 -4.92
CA GLN A 42 -3.56 11.95 -5.85
C GLN A 42 -4.72 12.58 -5.09
N GLY A 43 -4.88 12.18 -3.83
CA GLY A 43 -5.89 12.72 -2.96
C GLY A 43 -7.28 12.45 -3.46
N ARG A 44 -7.66 11.19 -3.45
CA ARG A 44 -8.97 10.81 -3.90
C ARG A 44 -10.00 11.01 -2.81
N GLY A 45 -9.58 10.85 -1.60
CA GLY A 45 -10.47 11.05 -0.49
C GLY A 45 -9.85 11.97 0.49
N GLU A 46 -10.10 11.73 1.75
CA GLU A 46 -9.48 12.49 2.80
C GLU A 46 -8.18 11.80 3.15
N ASP A 47 -7.25 11.88 2.25
CA ASP A 47 -5.99 11.22 2.38
C ASP A 47 -5.04 12.03 3.21
N VAL A 48 -4.89 13.30 2.89
CA VAL A 48 -4.03 14.16 3.68
C VAL A 48 -4.84 15.07 4.59
N ASP A 49 -6.13 15.08 4.38
CA ASP A 49 -7.03 15.91 5.16
C ASP A 49 -7.34 15.24 6.45
N ARG A 2 3.84 7.29 10.89
CA ARG A 2 2.56 6.69 11.20
C ARG A 2 1.47 7.30 10.33
N GLY A 3 1.50 8.62 10.21
CA GLY A 3 0.50 9.32 9.40
C GLY A 3 0.81 9.18 7.94
N SER A 4 2.07 8.95 7.66
CA SER A 4 2.57 8.74 6.34
C SER A 4 1.91 7.50 5.72
N PRO A 5 1.32 7.62 4.53
CA PRO A 5 0.60 6.51 3.88
C PRO A 5 1.49 5.29 3.59
N ARG A 6 2.80 5.51 3.51
CA ARG A 6 3.73 4.40 3.27
C ARG A 6 3.81 3.48 4.49
N ALA A 7 3.41 3.99 5.66
CA ALA A 7 3.37 3.18 6.86
C ALA A 7 2.35 2.08 6.67
N GLU A 8 1.19 2.49 6.17
CA GLU A 8 0.09 1.59 5.87
C GLU A 8 0.51 0.62 4.78
N TYR A 9 1.24 1.14 3.79
CA TYR A 9 1.77 0.34 2.70
C TYR A 9 2.61 -0.82 3.22
N GLU A 10 3.50 -0.51 4.13
CA GLU A 10 4.37 -1.52 4.67
C GLU A 10 3.63 -2.48 5.59
N VAL A 11 2.64 -1.97 6.32
CA VAL A 11 1.82 -2.82 7.17
C VAL A 11 1.00 -3.77 6.28
N CYS A 12 0.52 -3.24 5.16
CA CYS A 12 -0.20 -4.02 4.13
C CYS A 12 0.66 -5.22 3.70
N ARG A 13 1.96 -4.97 3.49
CA ARG A 13 2.88 -6.01 3.10
C ARG A 13 2.99 -7.01 4.24
N LEU A 14 3.26 -6.52 5.44
CA LEU A 14 3.42 -7.34 6.64
C LEU A 14 2.21 -8.24 6.88
N ARG A 15 1.02 -7.71 6.65
CA ARG A 15 -0.21 -8.48 6.82
C ARG A 15 -0.27 -9.63 5.83
N CYS A 16 -0.05 -9.32 4.57
CA CYS A 16 -0.14 -10.32 3.55
C CYS A 16 1.04 -11.29 3.51
N GLN A 17 2.22 -10.88 3.96
CA GLN A 17 3.36 -11.79 3.99
C GLN A 17 3.19 -12.86 5.05
N VAL A 18 2.43 -12.55 6.08
CA VAL A 18 2.19 -13.49 7.16
C VAL A 18 0.96 -14.35 6.84
N ALA A 19 -0.12 -13.72 6.44
CA ALA A 19 -1.36 -14.43 6.16
C ALA A 19 -1.24 -15.29 4.92
N GLU A 20 -0.77 -14.70 3.87
CA GLU A 20 -0.62 -15.38 2.63
C GLU A 20 0.79 -15.85 2.52
N ARG A 21 0.98 -17.05 2.09
CA ARG A 21 2.31 -17.59 1.96
C ARG A 21 2.66 -17.81 0.53
N GLY A 22 1.75 -17.46 -0.32
CA GLY A 22 1.99 -17.54 -1.72
C GLY A 22 2.26 -16.16 -2.23
N VAL A 23 3.23 -16.04 -3.10
CA VAL A 23 3.67 -14.73 -3.56
C VAL A 23 2.62 -14.08 -4.47
N GLU A 24 1.84 -14.90 -5.15
CA GLU A 24 0.79 -14.44 -6.05
C GLU A 24 -0.15 -13.47 -5.30
N GLN A 25 -0.67 -13.91 -4.18
CA GLN A 25 -1.58 -13.10 -3.40
C GLN A 25 -0.87 -11.95 -2.71
N GLN A 26 0.34 -12.19 -2.22
CA GLN A 26 1.13 -11.14 -1.57
C GLN A 26 1.41 -10.02 -2.57
N ARG A 27 1.68 -10.42 -3.80
CA ARG A 27 1.97 -9.50 -4.88
C ARG A 27 0.73 -8.65 -5.17
N LYS A 28 -0.44 -9.30 -5.23
CA LYS A 28 -1.70 -8.58 -5.41
C LYS A 28 -1.98 -7.62 -4.25
N CYS A 29 -1.68 -8.07 -3.04
CA CYS A 29 -1.78 -7.22 -1.85
C CYS A 29 -0.95 -5.95 -2.02
N GLU A 30 0.33 -6.13 -2.38
CA GLU A 30 1.22 -5.01 -2.59
C GLU A 30 0.72 -4.14 -3.72
N GLN A 31 0.25 -4.79 -4.79
CA GLN A 31 -0.29 -4.12 -5.96
C GLN A 31 -1.40 -3.14 -5.59
N VAL A 32 -2.44 -3.65 -4.93
CA VAL A 32 -3.60 -2.84 -4.53
C VAL A 32 -3.17 -1.67 -3.64
N CYS A 33 -2.36 -1.99 -2.64
CA CYS A 33 -1.87 -0.98 -1.73
C CYS A 33 -0.96 0.04 -2.43
N GLU A 34 -0.11 -0.42 -3.34
CA GLU A 34 0.81 0.46 -4.04
C GLU A 34 0.06 1.40 -4.97
N GLU A 35 -1.08 0.95 -5.47
CA GLU A 35 -1.95 1.79 -6.29
C GLU A 35 -2.51 2.94 -5.47
N ARG A 36 -2.85 2.65 -4.22
CA ARG A 36 -3.39 3.67 -3.31
C ARG A 36 -2.27 4.66 -2.97
N LEU A 37 -1.06 4.14 -2.87
CA LEU A 37 0.13 4.92 -2.61
C LEU A 37 0.51 5.77 -3.81
N ARG A 38 0.26 5.22 -4.99
CA ARG A 38 0.55 5.88 -6.27
C ARG A 38 -0.15 7.23 -6.34
N GLU A 39 -1.39 7.25 -5.89
CA GLU A 39 -2.23 8.44 -5.87
C GLU A 39 -1.58 9.56 -5.04
N ARG A 40 -0.88 9.17 -3.99
CA ARG A 40 -0.26 10.13 -3.09
C ARG A 40 1.15 10.49 -3.52
N GLU A 41 1.80 9.62 -4.23
CA GLU A 41 3.14 9.89 -4.73
C GLU A 41 3.11 10.79 -5.96
N GLN A 42 2.15 10.57 -6.84
CA GLN A 42 2.04 11.45 -8.02
C GLN A 42 1.17 12.63 -7.69
N GLY A 43 0.50 12.55 -6.58
CA GLY A 43 -0.38 13.56 -6.15
C GLY A 43 0.29 14.52 -5.21
N ARG A 44 0.29 15.76 -5.58
CA ARG A 44 0.88 16.81 -4.76
C ARG A 44 -0.21 17.54 -4.01
N GLY A 45 -1.36 16.88 -3.92
CA GLY A 45 -2.51 17.47 -3.31
C GLY A 45 -3.09 18.47 -4.23
N GLU A 46 -2.89 19.69 -3.91
CA GLU A 46 -3.31 20.77 -4.71
C GLU A 46 -2.13 21.70 -4.94
N ASP A 47 -1.51 21.56 -6.09
CA ASP A 47 -0.36 22.36 -6.44
C ASP A 47 -0.37 22.66 -7.92
N VAL A 48 -1.02 23.76 -8.27
CA VAL A 48 -1.12 24.26 -9.64
C VAL A 48 -1.91 23.30 -10.55
N ASP A 49 -3.19 23.51 -10.63
CA ASP A 49 -4.06 22.67 -11.44
C ASP A 49 -4.25 23.33 -12.78
N ARG A 2 -1.98 11.99 9.30
CA ARG A 2 -2.83 11.01 9.93
C ARG A 2 -3.25 9.97 8.89
N GLY A 3 -2.87 8.74 9.11
CA GLY A 3 -3.08 7.73 8.12
C GLY A 3 -1.97 7.83 7.13
N SER A 4 -0.77 7.62 7.61
CA SER A 4 0.43 7.80 6.85
C SER A 4 0.51 6.78 5.70
N PRO A 5 0.69 7.30 4.46
CA PRO A 5 0.62 6.52 3.23
C PRO A 5 1.55 5.31 3.20
N ARG A 6 2.82 5.52 3.52
CA ARG A 6 3.80 4.45 3.43
C ARG A 6 3.67 3.52 4.63
N ALA A 7 3.27 4.07 5.75
CA ALA A 7 3.08 3.28 6.95
C ALA A 7 2.01 2.23 6.71
N GLU A 8 0.88 2.67 6.16
CA GLU A 8 -0.21 1.77 5.81
C GLU A 8 0.23 0.80 4.73
N TYR A 9 1.01 1.33 3.78
CA TYR A 9 1.57 0.57 2.66
C TYR A 9 2.34 -0.65 3.17
N GLU A 10 3.22 -0.41 4.10
CA GLU A 10 4.03 -1.47 4.65
C GLU A 10 3.25 -2.40 5.53
N VAL A 11 2.27 -1.88 6.26
CA VAL A 11 1.40 -2.74 7.06
C VAL A 11 0.56 -3.62 6.13
N CYS A 12 0.14 -3.05 5.01
CA CYS A 12 -0.56 -3.77 3.96
C CYS A 12 0.26 -4.98 3.51
N ARG A 13 1.56 -4.74 3.29
CA ARG A 13 2.48 -5.81 2.89
C ARG A 13 2.56 -6.82 4.02
N LEU A 14 2.85 -6.33 5.23
CA LEU A 14 3.01 -7.17 6.43
C LEU A 14 1.82 -8.07 6.70
N ARG A 15 0.60 -7.56 6.47
CA ARG A 15 -0.61 -8.35 6.61
C ARG A 15 -0.53 -9.57 5.71
N CYS A 16 -0.29 -9.31 4.47
CA CYS A 16 -0.25 -10.33 3.46
C CYS A 16 0.96 -11.24 3.61
N GLN A 17 2.10 -10.67 3.98
CA GLN A 17 3.34 -11.42 4.15
C GLN A 17 3.24 -12.40 5.29
N VAL A 18 2.43 -12.10 6.28
CA VAL A 18 2.26 -12.99 7.40
C VAL A 18 1.09 -13.96 7.16
N ALA A 19 -0.03 -13.44 6.70
CA ALA A 19 -1.23 -14.27 6.50
C ALA A 19 -1.06 -15.23 5.31
N GLU A 20 -0.58 -14.72 4.21
CA GLU A 20 -0.44 -15.49 2.99
C GLU A 20 0.98 -15.96 2.80
N ARG A 21 1.13 -17.18 2.37
CA ARG A 21 2.44 -17.71 2.08
C ARG A 21 2.62 -17.82 0.57
N GLY A 22 1.76 -17.15 -0.16
CA GLY A 22 1.86 -17.12 -1.58
C GLY A 22 2.40 -15.78 -2.04
N VAL A 23 3.30 -15.83 -2.99
CA VAL A 23 3.97 -14.66 -3.49
C VAL A 23 3.00 -13.74 -4.21
N GLU A 24 2.15 -14.30 -5.05
CA GLU A 24 1.20 -13.50 -5.81
C GLU A 24 0.22 -12.75 -4.95
N GLN A 25 -0.24 -13.36 -3.85
CA GLN A 25 -1.17 -12.66 -2.98
C GLN A 25 -0.50 -11.46 -2.36
N GLN A 26 0.71 -11.68 -1.85
CA GLN A 26 1.50 -10.60 -1.25
C GLN A 26 1.80 -9.53 -2.30
N ARG A 27 2.16 -9.98 -3.48
CA ARG A 27 2.48 -9.10 -4.58
C ARG A 27 1.26 -8.27 -5.01
N LYS A 28 0.10 -8.92 -5.10
CA LYS A 28 -1.14 -8.20 -5.43
C LYS A 28 -1.48 -7.21 -4.33
N CYS A 29 -1.18 -7.57 -3.09
CA CYS A 29 -1.35 -6.68 -1.96
C CYS A 29 -0.51 -5.43 -2.15
N GLU A 30 0.74 -5.63 -2.53
CA GLU A 30 1.65 -4.54 -2.75
C GLU A 30 1.14 -3.67 -3.90
N GLN A 31 0.74 -4.31 -4.99
CA GLN A 31 0.18 -3.63 -6.16
C GLN A 31 -1.03 -2.77 -5.80
N VAL A 32 -2.05 -3.39 -5.20
CA VAL A 32 -3.29 -2.68 -4.83
C VAL A 32 -3.00 -1.52 -3.89
N CYS A 33 -2.17 -1.75 -2.89
CA CYS A 33 -1.84 -0.71 -1.97
C CYS A 33 -0.92 0.34 -2.59
N GLU A 34 -0.11 -0.06 -3.55
CA GLU A 34 0.78 0.87 -4.23
C GLU A 34 -0.03 1.77 -5.16
N GLU A 35 -1.12 1.22 -5.71
CA GLU A 35 -2.05 2.02 -6.50
C GLU A 35 -2.63 3.10 -5.63
N ARG A 36 -3.09 2.69 -4.43
CA ARG A 36 -3.68 3.60 -3.45
C ARG A 36 -2.70 4.71 -3.08
N LEU A 37 -1.43 4.34 -2.99
CA LEU A 37 -0.34 5.27 -2.71
C LEU A 37 -0.25 6.32 -3.80
N ARG A 38 -0.24 5.85 -5.02
CA ARG A 38 -0.13 6.71 -6.17
C ARG A 38 -1.39 7.57 -6.33
N GLU A 39 -2.55 6.98 -6.12
CA GLU A 39 -3.83 7.69 -6.20
C GLU A 39 -3.96 8.80 -5.16
N ARG A 40 -3.17 8.75 -4.11
CA ARG A 40 -3.18 9.78 -3.10
C ARG A 40 -2.31 10.96 -3.54
N GLU A 41 -1.10 10.66 -4.01
CA GLU A 41 -0.13 11.70 -4.33
C GLU A 41 -0.21 12.20 -5.78
N GLN A 42 -0.57 11.34 -6.68
CA GLN A 42 -0.68 11.72 -8.07
C GLN A 42 -2.13 12.11 -8.35
N GLY A 43 -3.01 11.62 -7.52
CA GLY A 43 -4.41 11.89 -7.68
C GLY A 43 -4.78 13.22 -7.10
N ARG A 44 -5.29 14.08 -7.95
CA ARG A 44 -5.72 15.38 -7.53
C ARG A 44 -7.20 15.53 -7.73
N GLY A 45 -7.75 16.56 -7.16
CA GLY A 45 -9.18 16.75 -7.20
C GLY A 45 -9.85 15.80 -6.25
N GLU A 46 -9.08 15.33 -5.30
CA GLU A 46 -9.49 14.39 -4.30
C GLU A 46 -8.49 14.49 -3.16
N ASP A 47 -8.89 15.15 -2.11
CA ASP A 47 -8.02 15.40 -0.98
C ASP A 47 -8.07 14.31 0.01
N VAL A 48 -7.12 13.44 -0.07
CA VAL A 48 -6.94 12.37 0.85
C VAL A 48 -5.60 12.58 1.53
N ASP A 49 -5.64 12.92 2.80
CA ASP A 49 -4.44 13.18 3.61
C ASP A 49 -3.66 14.40 3.12
N ARG A 2 -7.12 5.01 7.54
CA ARG A 2 -5.84 4.92 6.89
C ARG A 2 -5.22 6.30 6.77
N GLY A 3 -4.24 6.55 7.61
CA GLY A 3 -3.63 7.84 7.67
C GLY A 3 -2.32 7.94 6.92
N SER A 4 -1.26 7.39 7.48
CA SER A 4 0.06 7.52 6.90
C SER A 4 0.24 6.50 5.75
N PRO A 5 0.33 6.99 4.50
CA PRO A 5 0.31 6.14 3.29
C PRO A 5 1.47 5.16 3.18
N ARG A 6 2.65 5.57 3.58
CA ARG A 6 3.83 4.74 3.44
C ARG A 6 3.88 3.71 4.54
N ALA A 7 3.30 4.07 5.69
CA ALA A 7 3.15 3.15 6.79
C ALA A 7 2.16 2.08 6.39
N GLU A 8 1.04 2.55 5.84
CA GLU A 8 -0.01 1.71 5.30
C GLU A 8 0.55 0.70 4.34
N TYR A 9 1.34 1.19 3.41
CA TYR A 9 1.95 0.38 2.37
C TYR A 9 2.74 -0.81 2.94
N GLU A 10 3.63 -0.53 3.88
CA GLU A 10 4.46 -1.58 4.46
C GLU A 10 3.66 -2.56 5.29
N VAL A 11 2.72 -2.05 6.07
CA VAL A 11 1.91 -2.92 6.91
C VAL A 11 0.98 -3.76 6.03
N CYS A 12 0.54 -3.19 4.92
CA CYS A 12 -0.27 -3.88 3.92
C CYS A 12 0.43 -5.15 3.44
N ARG A 13 1.73 -5.02 3.17
CA ARG A 13 2.55 -6.13 2.72
C ARG A 13 2.71 -7.13 3.87
N LEU A 14 3.00 -6.59 5.06
CA LEU A 14 3.20 -7.37 6.27
C LEU A 14 1.97 -8.23 6.61
N ARG A 15 0.78 -7.65 6.54
CA ARG A 15 -0.48 -8.35 6.83
C ARG A 15 -0.61 -9.60 5.99
N CYS A 16 -0.36 -9.43 4.71
CA CYS A 16 -0.47 -10.51 3.77
C CYS A 16 0.58 -11.58 4.00
N GLN A 17 1.78 -11.19 4.42
CA GLN A 17 2.88 -12.13 4.69
C GLN A 17 2.59 -13.00 5.93
N VAL A 18 1.71 -12.52 6.78
CA VAL A 18 1.35 -13.26 7.97
C VAL A 18 0.11 -14.11 7.70
N ALA A 19 -0.84 -13.53 7.01
CA ALA A 19 -2.09 -14.20 6.70
C ALA A 19 -1.89 -15.27 5.64
N GLU A 20 -1.19 -14.91 4.60
CA GLU A 20 -1.00 -15.75 3.46
C GLU A 20 0.48 -16.08 3.34
N ARG A 21 0.79 -17.08 2.56
CA ARG A 21 2.18 -17.43 2.29
C ARG A 21 2.42 -17.49 0.79
N GLY A 22 1.50 -16.93 0.04
CA GLY A 22 1.60 -17.01 -1.39
C GLY A 22 2.21 -15.76 -1.99
N VAL A 23 3.08 -15.93 -2.97
CA VAL A 23 3.76 -14.81 -3.59
C VAL A 23 2.78 -13.94 -4.37
N GLU A 24 1.79 -14.57 -5.00
CA GLU A 24 0.81 -13.87 -5.76
C GLU A 24 -0.11 -13.12 -4.81
N GLN A 25 -0.36 -13.73 -3.65
CA GLN A 25 -1.19 -13.13 -2.62
C GLN A 25 -0.60 -11.79 -2.22
N GLN A 26 0.68 -11.81 -1.84
CA GLN A 26 1.39 -10.60 -1.49
C GLN A 26 1.49 -9.63 -2.64
N ARG A 27 1.81 -10.12 -3.85
CA ARG A 27 1.91 -9.23 -5.02
C ARG A 27 0.59 -8.50 -5.29
N LYS A 28 -0.52 -9.20 -5.16
CA LYS A 28 -1.83 -8.57 -5.31
C LYS A 28 -2.02 -7.50 -4.24
N CYS A 29 -1.65 -7.82 -3.00
CA CYS A 29 -1.73 -6.89 -1.87
C CYS A 29 -0.91 -5.64 -2.16
N GLU A 30 0.29 -5.85 -2.65
CA GLU A 30 1.19 -4.78 -2.96
C GLU A 30 0.63 -3.91 -4.05
N GLN A 31 0.07 -4.53 -5.08
CA GLN A 31 -0.53 -3.80 -6.19
C GLN A 31 -1.65 -2.89 -5.69
N VAL A 32 -2.58 -3.46 -4.92
CA VAL A 32 -3.72 -2.71 -4.37
C VAL A 32 -3.24 -1.49 -3.58
N CYS A 33 -2.29 -1.71 -2.71
CA CYS A 33 -1.75 -0.65 -1.90
C CYS A 33 -0.85 0.31 -2.66
N GLU A 34 -0.16 -0.18 -3.68
CA GLU A 34 0.73 0.66 -4.47
C GLU A 34 -0.08 1.64 -5.34
N GLU A 35 -1.32 1.29 -5.65
CA GLU A 35 -2.20 2.18 -6.43
C GLU A 35 -2.40 3.51 -5.71
N ARG A 36 -2.77 3.44 -4.44
CA ARG A 36 -2.98 4.65 -3.65
C ARG A 36 -1.66 5.35 -3.36
N LEU A 37 -0.60 4.57 -3.25
CA LEU A 37 0.73 5.10 -2.98
C LEU A 37 1.29 5.84 -4.18
N ARG A 38 0.86 5.41 -5.35
CA ARG A 38 1.25 6.03 -6.62
C ARG A 38 0.78 7.48 -6.65
N GLU A 39 -0.39 7.69 -6.07
CA GLU A 39 -1.01 9.01 -5.98
C GLU A 39 -0.17 9.91 -5.06
N ARG A 40 0.44 9.32 -4.05
CA ARG A 40 1.28 10.05 -3.12
C ARG A 40 2.66 10.32 -3.72
N GLU A 41 3.09 9.45 -4.64
CA GLU A 41 4.36 9.66 -5.35
C GLU A 41 4.21 10.84 -6.28
N GLN A 42 3.00 11.05 -6.74
CA GLN A 42 2.70 12.09 -7.70
C GLN A 42 2.41 13.41 -6.97
N GLY A 43 2.04 13.31 -5.73
CA GLY A 43 1.74 14.48 -4.95
C GLY A 43 0.43 15.08 -5.35
N ARG A 44 0.32 16.39 -5.25
CA ARG A 44 -0.89 17.10 -5.59
C ARG A 44 -0.68 17.94 -6.83
N GLY A 45 0.35 17.64 -7.57
CA GLY A 45 0.65 18.37 -8.76
C GLY A 45 1.29 17.49 -9.79
N GLU A 46 1.04 17.81 -11.06
CA GLU A 46 1.59 17.14 -12.24
C GLU A 46 0.90 15.80 -12.47
N ASP A 47 -0.29 15.70 -11.89
CA ASP A 47 -1.14 14.52 -12.00
C ASP A 47 -1.97 14.62 -13.27
N VAL A 48 -2.87 15.57 -13.27
CA VAL A 48 -3.66 15.90 -14.41
C VAL A 48 -3.62 17.42 -14.52
N ASP A 49 -2.50 17.90 -14.98
CA ASP A 49 -2.28 19.32 -15.05
C ASP A 49 -2.25 19.79 -16.48
N ARG A 2 3.21 12.51 9.56
CA ARG A 2 1.82 12.55 9.99
C ARG A 2 0.98 11.72 9.04
N GLY A 3 0.65 10.52 9.44
CA GLY A 3 -0.06 9.63 8.59
C GLY A 3 0.85 9.12 7.53
N SER A 4 1.92 8.49 7.99
CA SER A 4 3.01 8.01 7.17
C SER A 4 2.51 7.11 6.02
N PRO A 5 2.58 7.60 4.76
CA PRO A 5 2.09 6.86 3.60
C PRO A 5 2.80 5.52 3.41
N ARG A 6 4.10 5.52 3.63
CA ARG A 6 4.91 4.33 3.41
C ARG A 6 4.68 3.33 4.52
N ALA A 7 4.47 3.82 5.72
CA ALA A 7 4.23 2.94 6.86
C ALA A 7 2.93 2.17 6.68
N GLU A 8 1.90 2.88 6.21
CA GLU A 8 0.61 2.27 5.93
C GLU A 8 0.74 1.27 4.79
N TYR A 9 1.57 1.62 3.83
CA TYR A 9 1.89 0.78 2.71
C TYR A 9 2.46 -0.56 3.21
N GLU A 10 3.42 -0.47 4.12
CA GLU A 10 4.05 -1.64 4.69
C GLU A 10 3.06 -2.47 5.50
N VAL A 11 2.27 -1.82 6.36
CA VAL A 11 1.28 -2.54 7.19
C VAL A 11 0.28 -3.28 6.29
N CYS A 12 -0.15 -2.61 5.24
CA CYS A 12 -1.08 -3.16 4.27
C CYS A 12 -0.55 -4.46 3.65
N ARG A 13 0.72 -4.44 3.24
CA ARG A 13 1.30 -5.59 2.60
C ARG A 13 1.68 -6.66 3.63
N LEU A 14 2.07 -6.22 4.83
CA LEU A 14 2.44 -7.13 5.92
C LEU A 14 1.30 -8.06 6.26
N ARG A 15 0.09 -7.51 6.28
CA ARG A 15 -1.11 -8.27 6.57
C ARG A 15 -1.31 -9.38 5.55
N CYS A 16 -0.92 -9.13 4.31
CA CYS A 16 -0.98 -10.14 3.29
C CYS A 16 0.12 -11.15 3.50
N GLN A 17 1.32 -10.67 3.79
CA GLN A 17 2.50 -11.52 3.98
C GLN A 17 2.30 -12.53 5.09
N VAL A 18 1.66 -12.12 6.14
CA VAL A 18 1.44 -12.99 7.27
C VAL A 18 0.19 -13.89 7.07
N ALA A 19 -0.82 -13.41 6.33
CA ALA A 19 -2.04 -14.19 6.12
C ALA A 19 -1.93 -15.16 4.95
N GLU A 20 -1.20 -14.75 3.93
CA GLU A 20 -0.99 -15.56 2.75
C GLU A 20 0.49 -15.64 2.48
N ARG A 21 1.03 -16.82 2.60
CA ARG A 21 2.47 -17.01 2.41
C ARG A 21 2.83 -17.22 0.95
N GLY A 22 1.86 -16.99 0.09
CA GLY A 22 2.11 -17.09 -1.31
C GLY A 22 2.75 -15.83 -1.80
N VAL A 23 3.74 -15.99 -2.64
CA VAL A 23 4.53 -14.89 -3.11
C VAL A 23 3.73 -14.04 -4.08
N GLU A 24 2.98 -14.70 -4.95
CA GLU A 24 2.16 -14.03 -5.96
C GLU A 24 1.10 -13.16 -5.30
N GLN A 25 0.54 -13.66 -4.21
CA GLN A 25 -0.49 -12.93 -3.49
C GLN A 25 0.09 -11.66 -2.87
N GLN A 26 1.29 -11.79 -2.34
CA GLN A 26 1.98 -10.66 -1.77
C GLN A 26 2.41 -9.68 -2.86
N ARG A 27 2.73 -10.22 -4.02
CA ARG A 27 3.06 -9.42 -5.20
C ARG A 27 1.85 -8.60 -5.65
N LYS A 28 0.67 -9.19 -5.55
CA LYS A 28 -0.54 -8.46 -5.83
C LYS A 28 -0.78 -7.41 -4.77
N CYS A 29 -0.60 -7.78 -3.52
CA CYS A 29 -0.78 -6.86 -2.40
C CYS A 29 0.11 -5.64 -2.48
N GLU A 30 1.39 -5.81 -2.80
CA GLU A 30 2.28 -4.66 -2.91
C GLU A 30 1.82 -3.72 -4.02
N GLN A 31 1.17 -4.28 -5.04
CA GLN A 31 0.58 -3.47 -6.10
C GLN A 31 -0.66 -2.76 -5.57
N VAL A 32 -1.59 -3.55 -5.01
CA VAL A 32 -2.87 -3.03 -4.49
C VAL A 32 -2.65 -1.92 -3.46
N CYS A 33 -1.75 -2.15 -2.54
CA CYS A 33 -1.44 -1.18 -1.52
C CYS A 33 -0.83 0.07 -2.16
N GLU A 34 -0.04 -0.13 -3.20
CA GLU A 34 0.62 0.97 -3.88
C GLU A 34 -0.39 1.76 -4.71
N GLU A 35 -1.45 1.10 -5.14
CA GLU A 35 -2.51 1.75 -5.89
C GLU A 35 -3.19 2.80 -5.04
N ARG A 36 -3.36 2.51 -3.76
CA ARG A 36 -3.91 3.46 -2.80
C ARG A 36 -2.93 4.62 -2.66
N LEU A 37 -1.68 4.28 -2.54
CA LEU A 37 -0.60 5.25 -2.43
C LEU A 37 -0.52 6.13 -3.67
N ARG A 38 -0.84 5.55 -4.81
CA ARG A 38 -0.86 6.24 -6.08
C ARG A 38 -1.98 7.27 -6.11
N GLU A 39 -3.11 6.97 -5.47
CA GLU A 39 -4.21 7.92 -5.42
C GLU A 39 -3.82 9.11 -4.56
N ARG A 40 -3.03 8.84 -3.53
CA ARG A 40 -2.48 9.89 -2.69
C ARG A 40 -1.50 10.72 -3.52
N GLU A 41 -0.69 10.04 -4.32
CA GLU A 41 0.27 10.66 -5.23
C GLU A 41 -0.42 11.40 -6.39
N GLN A 42 -1.69 11.11 -6.59
CA GLN A 42 -2.47 11.71 -7.65
C GLN A 42 -3.05 13.03 -7.13
N GLY A 43 -2.92 13.22 -5.84
CA GLY A 43 -3.34 14.44 -5.21
C GLY A 43 -2.20 14.99 -4.39
N ARG A 44 -0.97 14.74 -4.87
CA ARG A 44 0.27 15.14 -4.20
C ARG A 44 0.42 14.44 -2.86
N GLY A 45 1.12 13.32 -2.90
CA GLY A 45 1.30 12.50 -1.73
C GLY A 45 2.49 12.93 -0.92
N GLU A 46 3.20 13.90 -1.42
CA GLU A 46 4.35 14.47 -0.73
C GLU A 46 3.86 15.54 0.27
N ASP A 47 2.56 15.50 0.57
CA ASP A 47 1.90 16.42 1.49
C ASP A 47 2.47 16.32 2.88
N VAL A 48 2.88 15.12 3.25
CA VAL A 48 3.44 14.85 4.54
C VAL A 48 4.79 15.54 4.76
N ASP A 49 4.77 16.63 5.47
CA ASP A 49 5.97 17.37 5.81
C ASP A 49 6.43 16.91 7.15
N ARG A 2 -2.61 3.05 10.65
CA ARG A 2 -2.70 4.29 9.94
C ARG A 2 -1.64 5.26 10.44
N GLY A 3 -1.21 6.13 9.56
CA GLY A 3 -0.22 7.10 9.89
C GLY A 3 0.35 7.66 8.64
N SER A 4 1.63 7.48 8.45
CA SER A 4 2.28 7.93 7.25
C SER A 4 1.91 6.95 6.11
N PRO A 5 1.58 7.46 4.92
CA PRO A 5 1.07 6.66 3.79
C PRO A 5 1.91 5.42 3.44
N ARG A 6 3.22 5.57 3.34
CA ARG A 6 4.09 4.45 2.98
C ARG A 6 4.18 3.45 4.13
N ALA A 7 4.03 3.92 5.35
CA ALA A 7 4.03 3.04 6.49
C ALA A 7 2.79 2.16 6.43
N GLU A 8 1.65 2.75 6.03
CA GLU A 8 0.38 2.04 5.88
C GLU A 8 0.51 1.02 4.76
N TYR A 9 1.23 1.44 3.73
CA TYR A 9 1.55 0.62 2.59
C TYR A 9 2.32 -0.62 3.04
N GLU A 10 3.34 -0.42 3.86
CA GLU A 10 4.13 -1.51 4.39
C GLU A 10 3.27 -2.42 5.26
N VAL A 11 2.39 -1.81 6.08
CA VAL A 11 1.44 -2.57 6.92
C VAL A 11 0.59 -3.51 6.05
N CYS A 12 0.16 -3.02 4.90
CA CYS A 12 -0.61 -3.78 3.92
C CYS A 12 0.14 -5.06 3.49
N ARG A 13 1.42 -4.91 3.26
CA ARG A 13 2.28 -6.01 2.83
C ARG A 13 2.41 -6.99 3.99
N LEU A 14 2.67 -6.43 5.17
CA LEU A 14 2.81 -7.20 6.41
C LEU A 14 1.53 -7.98 6.70
N ARG A 15 0.37 -7.38 6.42
CA ARG A 15 -0.95 -8.03 6.59
C ARG A 15 -0.98 -9.34 5.84
N CYS A 16 -0.58 -9.29 4.60
CA CYS A 16 -0.55 -10.45 3.74
C CYS A 16 0.48 -11.48 4.18
N GLN A 17 1.49 -11.03 4.87
CA GLN A 17 2.50 -11.91 5.41
C GLN A 17 1.98 -12.63 6.64
N VAL A 18 1.23 -11.91 7.46
CA VAL A 18 0.65 -12.45 8.69
C VAL A 18 -0.57 -13.33 8.37
N ALA A 19 -1.36 -12.89 7.42
CA ALA A 19 -2.53 -13.66 6.97
C ALA A 19 -2.08 -14.86 6.16
N GLU A 20 -0.87 -14.74 5.62
CA GLU A 20 -0.17 -15.76 4.89
C GLU A 20 -0.78 -16.03 3.54
N ARG A 21 -0.32 -15.29 2.58
CA ARG A 21 -0.77 -15.40 1.22
C ARG A 21 0.40 -15.88 0.37
N GLY A 22 0.11 -16.30 -0.83
CA GLY A 22 1.13 -16.78 -1.73
C GLY A 22 2.03 -15.68 -2.24
N VAL A 23 3.10 -16.07 -2.91
CA VAL A 23 4.11 -15.14 -3.44
C VAL A 23 3.47 -14.13 -4.39
N GLU A 24 2.65 -14.65 -5.28
CA GLU A 24 1.95 -13.85 -6.26
C GLU A 24 1.01 -12.88 -5.56
N GLN A 25 0.35 -13.38 -4.52
CA GLN A 25 -0.60 -12.61 -3.76
C GLN A 25 0.07 -11.48 -3.01
N GLN A 26 1.26 -11.72 -2.46
CA GLN A 26 2.02 -10.67 -1.77
C GLN A 26 2.29 -9.50 -2.73
N ARG A 27 2.63 -9.87 -3.98
CA ARG A 27 2.90 -8.89 -5.04
C ARG A 27 1.62 -8.12 -5.39
N LYS A 28 0.49 -8.79 -5.29
CA LYS A 28 -0.79 -8.16 -5.54
C LYS A 28 -1.12 -7.22 -4.40
N CYS A 29 -0.88 -7.67 -3.18
CA CYS A 29 -1.08 -6.90 -1.95
C CYS A 29 -0.40 -5.53 -2.06
N GLU A 30 0.89 -5.56 -2.34
CA GLU A 30 1.66 -4.35 -2.47
C GLU A 30 1.19 -3.49 -3.64
N GLN A 31 0.73 -4.11 -4.72
CA GLN A 31 0.30 -3.36 -5.89
C GLN A 31 -1.06 -2.70 -5.66
N VAL A 32 -2.00 -3.44 -5.09
CA VAL A 32 -3.34 -2.91 -4.82
C VAL A 32 -3.23 -1.73 -3.83
N CYS A 33 -2.39 -1.89 -2.82
CA CYS A 33 -2.15 -0.84 -1.89
C CYS A 33 -1.35 0.31 -2.50
N GLU A 34 -0.50 0.00 -3.47
CA GLU A 34 0.25 1.03 -4.21
C GLU A 34 -0.72 1.92 -4.94
N GLU A 35 -1.74 1.30 -5.50
CA GLU A 35 -2.79 2.01 -6.21
C GLU A 35 -3.52 2.99 -5.30
N ARG A 36 -3.67 2.62 -4.03
CA ARG A 36 -4.29 3.51 -3.06
C ARG A 36 -3.30 4.60 -2.70
N LEU A 37 -2.05 4.19 -2.54
CA LEU A 37 -0.95 5.07 -2.22
C LEU A 37 -0.79 6.17 -3.23
N ARG A 38 -0.90 5.82 -4.51
CA ARG A 38 -0.80 6.80 -5.59
C ARG A 38 -1.83 7.91 -5.41
N GLU A 39 -3.02 7.53 -4.99
CA GLU A 39 -4.12 8.47 -4.77
C GLU A 39 -3.76 9.44 -3.63
N ARG A 40 -2.96 8.95 -2.71
CA ARG A 40 -2.54 9.71 -1.56
C ARG A 40 -1.21 10.43 -1.83
N GLU A 41 -0.51 10.01 -2.86
CA GLU A 41 0.73 10.66 -3.28
C GLU A 41 0.41 11.81 -4.22
N GLN A 42 -0.68 11.70 -4.95
CA GLN A 42 -1.12 12.77 -5.84
C GLN A 42 -1.99 13.75 -5.07
N GLY A 43 -2.44 13.32 -3.91
CA GLY A 43 -3.24 14.13 -3.07
C GLY A 43 -2.59 14.28 -1.72
N ARG A 44 -1.26 14.39 -1.75
CA ARG A 44 -0.49 14.49 -0.52
C ARG A 44 -0.50 15.92 0.00
N GLY A 45 -0.86 16.82 -0.86
CA GLY A 45 -1.05 18.18 -0.50
C GLY A 45 -2.46 18.52 -0.81
N GLU A 46 -2.63 19.43 -1.72
CA GLU A 46 -3.93 19.77 -2.18
C GLU A 46 -3.77 20.33 -3.58
N ASP A 47 -4.58 19.86 -4.48
CA ASP A 47 -4.56 20.24 -5.84
C ASP A 47 -5.98 20.22 -6.32
N VAL A 48 -6.20 20.63 -7.52
CA VAL A 48 -7.54 20.69 -8.05
C VAL A 48 -7.94 19.33 -8.60
N ASP A 49 -8.43 18.51 -7.72
CA ASP A 49 -8.91 17.18 -8.05
C ASP A 49 -10.38 17.24 -8.30
N ARG A 2 0.36 14.04 9.35
CA ARG A 2 -0.73 14.46 8.50
C ARG A 2 -1.53 13.26 8.07
N GLY A 3 -0.86 12.14 7.96
CA GLY A 3 -1.50 10.93 7.52
C GLY A 3 -0.63 10.26 6.51
N SER A 4 0.13 9.29 6.94
CA SER A 4 1.06 8.61 6.09
C SER A 4 0.40 7.43 5.40
N PRO A 5 0.24 7.49 4.07
CA PRO A 5 -0.26 6.36 3.32
C PRO A 5 0.80 5.28 3.22
N ARG A 6 2.06 5.70 3.42
CA ARG A 6 3.19 4.80 3.37
C ARG A 6 3.14 3.83 4.54
N ALA A 7 2.71 4.35 5.69
CA ALA A 7 2.54 3.52 6.89
C ALA A 7 1.62 2.34 6.57
N GLU A 8 0.50 2.65 5.96
CA GLU A 8 -0.47 1.65 5.54
C GLU A 8 0.15 0.71 4.52
N TYR A 9 0.89 1.27 3.57
CA TYR A 9 1.53 0.51 2.51
C TYR A 9 2.46 -0.57 3.07
N GLU A 10 3.33 -0.16 3.96
CA GLU A 10 4.31 -1.04 4.52
C GLU A 10 3.68 -2.13 5.38
N VAL A 11 2.64 -1.78 6.12
CA VAL A 11 1.93 -2.74 6.93
C VAL A 11 1.08 -3.68 6.04
N CYS A 12 0.51 -3.13 4.99
CA CYS A 12 -0.29 -3.87 3.99
C CYS A 12 0.50 -5.07 3.45
N ARG A 13 1.76 -4.84 3.13
CA ARG A 13 2.62 -5.90 2.63
C ARG A 13 2.85 -6.92 3.73
N LEU A 14 3.24 -6.42 4.91
CA LEU A 14 3.56 -7.26 6.06
C LEU A 14 2.41 -8.20 6.42
N ARG A 15 1.21 -7.65 6.57
CA ARG A 15 0.05 -8.43 6.96
C ARG A 15 -0.20 -9.55 5.99
N CYS A 16 -0.10 -9.24 4.72
CA CYS A 16 -0.31 -10.25 3.71
C CYS A 16 0.81 -11.27 3.65
N GLN A 17 2.04 -10.87 4.01
CA GLN A 17 3.18 -11.82 4.04
C GLN A 17 3.03 -12.80 5.19
N VAL A 18 2.33 -12.38 6.21
CA VAL A 18 2.14 -13.19 7.38
C VAL A 18 0.86 -14.03 7.28
N ALA A 19 -0.21 -13.41 6.83
CA ALA A 19 -1.49 -14.12 6.69
C ALA A 19 -1.46 -15.09 5.54
N GLU A 20 -0.96 -14.63 4.42
CA GLU A 20 -0.90 -15.41 3.21
C GLU A 20 0.52 -15.86 2.98
N ARG A 21 0.73 -17.13 2.82
CA ARG A 21 2.07 -17.62 2.61
C ARG A 21 2.43 -17.65 1.15
N GLY A 22 1.47 -17.38 0.33
CA GLY A 22 1.70 -17.35 -1.08
C GLY A 22 2.04 -15.96 -1.54
N VAL A 23 3.02 -15.84 -2.43
CA VAL A 23 3.49 -14.56 -2.89
C VAL A 23 2.48 -13.89 -3.81
N GLU A 24 1.71 -14.70 -4.54
CA GLU A 24 0.69 -14.18 -5.44
C GLU A 24 -0.37 -13.40 -4.67
N GLN A 25 -0.73 -13.91 -3.50
CA GLN A 25 -1.69 -13.27 -2.61
C GLN A 25 -1.12 -11.93 -2.13
N GLN A 26 0.12 -11.99 -1.67
CA GLN A 26 0.85 -10.83 -1.20
C GLN A 26 1.01 -9.80 -2.32
N ARG A 27 1.25 -10.29 -3.51
CA ARG A 27 1.45 -9.46 -4.69
C ARG A 27 0.19 -8.64 -4.97
N LYS A 28 -0.97 -9.27 -4.82
CA LYS A 28 -2.25 -8.59 -4.97
C LYS A 28 -2.34 -7.45 -3.97
N CYS A 29 -2.02 -7.77 -2.72
CA CYS A 29 -1.99 -6.82 -1.63
C CYS A 29 -1.10 -5.63 -1.97
N GLU A 30 0.13 -5.93 -2.40
CA GLU A 30 1.08 -4.90 -2.75
C GLU A 30 0.55 -4.04 -3.85
N GLN A 31 0.13 -4.66 -4.95
CA GLN A 31 -0.32 -3.96 -6.13
C GLN A 31 -1.46 -2.98 -5.81
N VAL A 32 -2.47 -3.45 -5.08
CA VAL A 32 -3.60 -2.62 -4.69
C VAL A 32 -3.14 -1.45 -3.82
N CYS A 33 -2.38 -1.74 -2.78
CA CYS A 33 -1.90 -0.71 -1.88
C CYS A 33 -0.92 0.25 -2.58
N GLU A 34 -0.11 -0.27 -3.47
CA GLU A 34 0.89 0.50 -4.19
C GLU A 34 0.23 1.46 -5.16
N GLU A 35 -0.80 1.01 -5.86
CA GLU A 35 -1.49 1.88 -6.79
C GLU A 35 -2.31 2.92 -6.06
N ARG A 36 -2.68 2.63 -4.82
CA ARG A 36 -3.39 3.60 -4.00
C ARG A 36 -2.38 4.66 -3.56
N LEU A 37 -1.18 4.18 -3.25
CA LEU A 37 -0.05 5.04 -2.88
C LEU A 37 0.32 5.95 -4.02
N ARG A 38 0.39 5.37 -5.21
CA ARG A 38 0.71 6.08 -6.44
C ARG A 38 -0.18 7.32 -6.60
N GLU A 39 -1.46 7.18 -6.26
CA GLU A 39 -2.42 8.25 -6.36
C GLU A 39 -2.08 9.41 -5.41
N ARG A 40 -1.66 9.10 -4.22
CA ARG A 40 -1.39 10.14 -3.24
C ARG A 40 0.01 10.72 -3.40
N GLU A 41 0.92 9.95 -3.96
CA GLU A 41 2.29 10.40 -4.13
C GLU A 41 2.50 11.11 -5.48
N GLN A 42 1.69 10.78 -6.47
CA GLN A 42 1.84 11.35 -7.81
C GLN A 42 0.62 12.13 -8.27
N GLY A 43 -0.39 12.18 -7.45
CA GLY A 43 -1.59 12.90 -7.79
C GLY A 43 -2.20 13.49 -6.56
N ARG A 44 -1.40 14.21 -5.83
CA ARG A 44 -1.84 14.79 -4.60
C ARG A 44 -2.36 16.18 -4.83
N GLY A 45 -3.51 16.43 -4.30
CA GLY A 45 -4.10 17.76 -4.39
C GLY A 45 -3.83 18.55 -3.14
N GLU A 46 -2.87 18.07 -2.36
CA GLU A 46 -2.49 18.65 -1.09
C GLU A 46 -0.99 18.56 -0.93
N ASP A 47 -0.35 19.69 -0.73
CA ASP A 47 1.04 19.76 -0.43
C ASP A 47 1.33 21.13 0.14
N VAL A 48 2.11 21.17 1.17
CA VAL A 48 2.46 22.44 1.82
C VAL A 48 3.97 22.54 2.01
N ASP A 49 4.64 21.46 1.74
CA ASP A 49 6.06 21.31 1.98
C ASP A 49 6.65 20.66 0.77
N ARG A 2 2.30 8.50 12.82
CA ARG A 2 0.90 8.82 12.89
C ARG A 2 0.45 9.24 11.50
N GLY A 3 -0.09 8.30 10.77
CA GLY A 3 -0.53 8.57 9.43
C GLY A 3 0.64 8.64 8.47
N SER A 4 1.67 7.91 8.77
CA SER A 4 2.84 7.89 7.97
C SER A 4 2.63 6.91 6.81
N PRO A 5 2.69 7.43 5.57
CA PRO A 5 2.31 6.68 4.36
C PRO A 5 3.09 5.39 4.16
N ARG A 6 4.38 5.44 4.40
CA ARG A 6 5.24 4.31 4.13
C ARG A 6 5.23 3.34 5.30
N ALA A 7 4.86 3.85 6.46
CA ALA A 7 4.69 3.02 7.63
C ALA A 7 3.50 2.11 7.40
N GLU A 8 2.37 2.75 7.11
CA GLU A 8 1.12 2.03 6.83
C GLU A 8 1.25 1.17 5.59
N TYR A 9 2.10 1.61 4.67
CA TYR A 9 2.37 0.90 3.43
C TYR A 9 2.83 -0.50 3.70
N GLU A 10 3.85 -0.63 4.53
CA GLU A 10 4.36 -1.94 4.85
C GLU A 10 3.36 -2.74 5.67
N VAL A 11 2.59 -2.06 6.51
CA VAL A 11 1.54 -2.73 7.29
C VAL A 11 0.50 -3.35 6.34
N CYS A 12 0.23 -2.65 5.26
CA CYS A 12 -0.68 -3.08 4.19
C CYS A 12 -0.18 -4.41 3.61
N ARG A 13 1.14 -4.53 3.47
CA ARG A 13 1.77 -5.72 2.94
C ARG A 13 1.79 -6.82 4.00
N LEU A 14 2.13 -6.44 5.23
CA LEU A 14 2.20 -7.34 6.38
C LEU A 14 0.85 -8.01 6.62
N ARG A 15 -0.22 -7.26 6.43
CA ARG A 15 -1.57 -7.79 6.59
C ARG A 15 -1.86 -8.88 5.55
N CYS A 16 -1.26 -8.76 4.39
CA CYS A 16 -1.42 -9.79 3.36
C CYS A 16 -0.64 -11.02 3.71
N GLN A 17 0.43 -10.84 4.46
CA GLN A 17 1.22 -11.97 4.93
C GLN A 17 0.42 -12.73 5.96
N VAL A 18 -0.30 -11.99 6.79
CA VAL A 18 -1.19 -12.57 7.79
C VAL A 18 -2.35 -13.28 7.08
N ALA A 19 -2.76 -12.75 5.94
CA ALA A 19 -3.76 -13.37 5.09
C ALA A 19 -3.27 -14.74 4.64
N GLU A 20 -2.02 -14.80 4.17
CA GLU A 20 -1.35 -16.02 3.79
C GLU A 20 0.09 -15.70 3.42
N ARG A 21 1.03 -16.56 3.76
CA ARG A 21 2.41 -16.31 3.38
C ARG A 21 2.68 -16.84 1.99
N GLY A 22 2.10 -16.19 1.02
CA GLY A 22 2.27 -16.55 -0.34
C GLY A 22 2.84 -15.40 -1.11
N VAL A 23 3.77 -15.69 -1.99
CA VAL A 23 4.47 -14.68 -2.76
C VAL A 23 3.56 -13.95 -3.73
N GLU A 24 2.74 -14.70 -4.45
CA GLU A 24 1.84 -14.12 -5.48
C GLU A 24 0.89 -13.11 -4.84
N GLN A 25 0.30 -13.50 -3.73
CA GLN A 25 -0.64 -12.67 -2.99
C GLN A 25 0.01 -11.38 -2.53
N GLN A 26 1.23 -11.48 -2.08
CA GLN A 26 1.98 -10.33 -1.63
C GLN A 26 2.40 -9.46 -2.82
N ARG A 27 2.67 -10.10 -3.96
CA ARG A 27 2.97 -9.38 -5.21
C ARG A 27 1.76 -8.58 -5.67
N LYS A 28 0.58 -9.07 -5.33
CA LYS A 28 -0.64 -8.34 -5.61
C LYS A 28 -0.71 -7.15 -4.67
N CYS A 29 -0.52 -7.43 -3.40
CA CYS A 29 -0.60 -6.44 -2.36
C CYS A 29 0.39 -5.30 -2.50
N GLU A 30 1.64 -5.60 -2.84
CA GLU A 30 2.64 -4.55 -3.03
C GLU A 30 2.16 -3.54 -4.07
N GLN A 31 1.48 -4.04 -5.09
CA GLN A 31 0.95 -3.21 -6.12
C GLN A 31 -0.30 -2.50 -5.63
N VAL A 32 -1.18 -3.24 -4.94
CA VAL A 32 -2.41 -2.66 -4.36
C VAL A 32 -2.09 -1.50 -3.44
N CYS A 33 -1.15 -1.71 -2.54
CA CYS A 33 -0.74 -0.69 -1.62
C CYS A 33 -0.09 0.48 -2.39
N GLU A 34 0.71 0.16 -3.40
CA GLU A 34 1.42 1.17 -4.20
C GLU A 34 0.46 2.04 -4.99
N GLU A 35 -0.47 1.41 -5.70
CA GLU A 35 -1.47 2.14 -6.48
C GLU A 35 -2.35 2.99 -5.58
N ARG A 36 -2.58 2.50 -4.37
CA ARG A 36 -3.39 3.23 -3.43
C ARG A 36 -2.60 4.40 -2.86
N LEU A 37 -1.31 4.20 -2.60
CA LEU A 37 -0.47 5.30 -2.15
C LEU A 37 -0.28 6.32 -3.22
N ARG A 38 -0.17 5.86 -4.45
CA ARG A 38 -0.14 6.72 -5.64
C ARG A 38 -1.32 7.70 -5.57
N GLU A 39 -2.50 7.15 -5.31
CA GLU A 39 -3.73 7.90 -5.19
C GLU A 39 -3.80 8.72 -3.89
N ARG A 40 -2.98 8.36 -2.92
CA ARG A 40 -2.95 9.04 -1.64
C ARG A 40 -1.97 10.22 -1.66
N GLU A 41 -0.79 9.99 -2.24
CA GLU A 41 0.26 11.01 -2.28
C GLU A 41 0.03 12.02 -3.41
N GLN A 42 -0.36 11.53 -4.58
CA GLN A 42 -0.58 12.39 -5.72
C GLN A 42 -2.02 12.89 -5.72
N GLY A 43 -2.86 12.13 -5.03
CA GLY A 43 -4.24 12.50 -4.85
C GLY A 43 -4.40 13.23 -3.54
N ARG A 44 -3.72 14.36 -3.48
CA ARG A 44 -3.60 15.23 -2.30
C ARG A 44 -4.97 15.58 -1.70
N GLY A 45 -5.27 14.97 -0.58
CA GLY A 45 -6.53 15.21 0.11
C GLY A 45 -6.32 15.30 1.60
N GLU A 46 -7.35 15.01 2.38
CA GLU A 46 -7.29 15.09 3.82
C GLU A 46 -6.51 13.91 4.39
N ASP A 47 -5.24 14.10 4.59
CA ASP A 47 -4.44 13.05 5.21
C ASP A 47 -3.95 13.52 6.56
N VAL A 48 -3.30 14.64 6.57
CA VAL A 48 -2.79 15.23 7.80
C VAL A 48 -3.24 16.71 7.85
N ASP A 49 -4.41 16.93 7.29
CA ASP A 49 -4.99 18.26 7.20
C ASP A 49 -5.62 18.66 8.53
N ARG A 2 5.82 8.12 11.03
CA ARG A 2 4.81 7.13 11.41
C ARG A 2 3.46 7.44 10.79
N GLY A 3 3.31 8.64 10.31
CA GLY A 3 2.10 9.04 9.66
C GLY A 3 2.32 9.22 8.18
N SER A 4 3.37 8.57 7.70
CA SER A 4 3.72 8.63 6.32
C SER A 4 2.94 7.57 5.55
N PRO A 5 2.52 7.87 4.31
CA PRO A 5 1.76 6.93 3.45
C PRO A 5 2.54 5.63 3.24
N ARG A 6 3.86 5.73 3.29
CA ARG A 6 4.73 4.58 3.09
C ARG A 6 4.56 3.55 4.21
N ALA A 7 4.01 3.99 5.34
CA ALA A 7 3.73 3.10 6.44
C ALA A 7 2.51 2.27 6.07
N GLU A 8 1.49 2.95 5.50
CA GLU A 8 0.26 2.28 5.06
C GLU A 8 0.60 1.24 4.03
N TYR A 9 1.55 1.59 3.18
CA TYR A 9 2.03 0.74 2.12
C TYR A 9 2.56 -0.58 2.68
N GLU A 10 3.53 -0.48 3.56
CA GLU A 10 4.16 -1.65 4.13
C GLU A 10 3.23 -2.43 5.04
N VAL A 11 2.42 -1.75 5.85
CA VAL A 11 1.48 -2.45 6.74
C VAL A 11 0.48 -3.28 5.93
N CYS A 12 0.08 -2.72 4.80
CA CYS A 12 -0.84 -3.37 3.87
C CYS A 12 -0.22 -4.67 3.33
N ARG A 13 1.09 -4.68 3.20
CA ARG A 13 1.82 -5.84 2.71
C ARG A 13 2.01 -6.83 3.86
N LEU A 14 2.33 -6.31 5.04
CA LEU A 14 2.53 -7.12 6.25
C LEU A 14 1.31 -7.97 6.56
N ARG A 15 0.11 -7.38 6.39
CA ARG A 15 -1.15 -8.10 6.62
C ARG A 15 -1.20 -9.36 5.77
N CYS A 16 -0.87 -9.20 4.50
CA CYS A 16 -0.88 -10.31 3.58
C CYS A 16 0.20 -11.32 3.91
N GLN A 17 1.39 -10.86 4.28
CA GLN A 17 2.50 -11.76 4.62
C GLN A 17 2.18 -12.67 5.81
N VAL A 18 1.34 -12.19 6.70
CA VAL A 18 0.97 -12.97 7.85
C VAL A 18 -0.18 -13.95 7.52
N ALA A 19 -1.22 -13.45 6.88
CA ALA A 19 -2.40 -14.28 6.59
C ALA A 19 -2.29 -15.06 5.28
N GLU A 20 -1.95 -14.37 4.21
CA GLU A 20 -1.89 -14.95 2.88
C GLU A 20 -0.45 -15.30 2.56
N ARG A 21 -0.03 -16.46 2.96
CA ARG A 21 1.36 -16.83 2.80
C ARG A 21 1.66 -17.44 1.45
N GLY A 22 1.36 -16.66 0.45
CA GLY A 22 1.62 -17.02 -0.89
C GLY A 22 2.33 -15.88 -1.53
N VAL A 23 3.33 -16.18 -2.33
CA VAL A 23 4.16 -15.16 -2.96
C VAL A 23 3.33 -14.29 -3.89
N GLU A 24 2.57 -14.93 -4.75
CA GLU A 24 1.77 -14.22 -5.72
C GLU A 24 0.67 -13.41 -5.04
N GLN A 25 0.15 -13.95 -3.94
CA GLN A 25 -0.91 -13.28 -3.17
C GLN A 25 -0.40 -11.94 -2.66
N GLN A 26 0.77 -11.97 -2.07
CA GLN A 26 1.39 -10.79 -1.52
C GLN A 26 1.78 -9.81 -2.62
N ARG A 27 2.19 -10.34 -3.77
CA ARG A 27 2.49 -9.49 -4.92
C ARG A 27 1.22 -8.81 -5.44
N LYS A 28 0.09 -9.49 -5.34
CA LYS A 28 -1.20 -8.89 -5.69
C LYS A 28 -1.54 -7.80 -4.69
N CYS A 29 -1.28 -8.08 -3.42
CA CYS A 29 -1.52 -7.13 -2.34
C CYS A 29 -0.76 -5.84 -2.56
N GLU A 30 0.57 -5.93 -2.73
CA GLU A 30 1.40 -4.73 -2.87
C GLU A 30 1.04 -3.89 -4.09
N GLN A 31 0.35 -4.49 -5.04
CA GLN A 31 -0.15 -3.75 -6.18
C GLN A 31 -1.33 -2.88 -5.73
N VAL A 32 -2.29 -3.53 -5.07
CA VAL A 32 -3.49 -2.86 -4.52
C VAL A 32 -3.09 -1.76 -3.53
N CYS A 33 -2.14 -2.09 -2.68
CA CYS A 33 -1.64 -1.18 -1.67
C CYS A 33 -1.02 0.06 -2.33
N GLU A 34 -0.34 -0.16 -3.45
CA GLU A 34 0.37 0.90 -4.13
C GLU A 34 -0.61 1.82 -4.84
N GLU A 35 -1.77 1.29 -5.21
CA GLU A 35 -2.81 2.08 -5.87
C GLU A 35 -3.30 3.17 -4.92
N ARG A 36 -3.41 2.81 -3.63
CA ARG A 36 -3.81 3.74 -2.59
C ARG A 36 -2.69 4.77 -2.39
N LEU A 37 -1.48 4.29 -2.50
CA LEU A 37 -0.30 5.12 -2.36
C LEU A 37 -0.19 6.16 -3.45
N ARG A 38 -0.66 5.82 -4.64
CA ARG A 38 -0.69 6.78 -5.74
C ARG A 38 -1.61 7.95 -5.38
N GLU A 39 -2.67 7.63 -4.68
CA GLU A 39 -3.61 8.64 -4.23
C GLU A 39 -2.98 9.46 -3.10
N ARG A 40 -2.08 8.84 -2.36
CA ARG A 40 -1.36 9.49 -1.26
C ARG A 40 -0.29 10.43 -1.80
N GLU A 41 0.13 10.17 -3.03
CA GLU A 41 1.09 11.04 -3.69
C GLU A 41 0.37 12.23 -4.28
N GLN A 42 -0.89 12.02 -4.60
CA GLN A 42 -1.70 13.08 -5.17
C GLN A 42 -2.36 13.88 -4.04
N GLY A 43 -2.45 13.26 -2.89
CA GLY A 43 -3.00 13.89 -1.74
C GLY A 43 -2.43 13.27 -0.50
N ARG A 44 -1.52 13.97 0.11
CA ARG A 44 -0.82 13.47 1.29
C ARG A 44 -1.67 13.56 2.54
N GLY A 45 -1.92 14.77 2.95
CA GLY A 45 -2.67 15.01 4.14
C GLY A 45 -3.84 15.89 3.85
N GLU A 46 -4.79 15.35 3.14
CA GLU A 46 -5.95 16.10 2.67
C GLU A 46 -7.00 16.31 3.77
N ASP A 47 -6.65 15.91 4.97
CA ASP A 47 -7.48 16.13 6.14
C ASP A 47 -6.98 17.37 6.86
N VAL A 48 -5.87 17.88 6.39
CA VAL A 48 -5.24 19.05 6.97
C VAL A 48 -5.11 20.10 5.89
N ASP A 49 -5.94 21.10 5.96
CA ASP A 49 -5.94 22.17 4.98
C ASP A 49 -5.83 23.47 5.67
N ARG A 2 -1.68 12.15 10.77
CA ARG A 2 -2.25 11.02 11.49
C ARG A 2 -2.51 9.87 10.52
N GLY A 3 -1.46 9.16 10.23
CA GLY A 3 -1.51 8.08 9.29
C GLY A 3 -0.43 8.23 8.26
N SER A 4 0.63 7.46 8.40
CA SER A 4 1.74 7.53 7.48
C SER A 4 1.52 6.51 6.34
N PRO A 5 1.23 7.00 5.13
CA PRO A 5 0.81 6.14 4.00
C PRO A 5 1.84 5.09 3.58
N ARG A 6 3.12 5.40 3.65
CA ARG A 6 4.15 4.46 3.19
C ARG A 6 4.40 3.41 4.25
N ALA A 7 4.16 3.80 5.49
CA ALA A 7 4.23 2.88 6.60
C ALA A 7 3.09 1.88 6.45
N GLU A 8 1.89 2.40 6.16
CA GLU A 8 0.70 1.60 5.97
C GLU A 8 0.84 0.70 4.75
N TYR A 9 1.58 1.18 3.75
CA TYR A 9 1.88 0.40 2.55
C TYR A 9 2.60 -0.89 2.94
N GLU A 10 3.61 -0.75 3.74
CA GLU A 10 4.38 -1.87 4.21
C GLU A 10 3.55 -2.75 5.15
N VAL A 11 2.67 -2.11 5.94
CA VAL A 11 1.74 -2.82 6.82
C VAL A 11 0.80 -3.71 5.98
N CYS A 12 0.32 -3.14 4.88
CA CYS A 12 -0.53 -3.83 3.90
C CYS A 12 0.13 -5.14 3.44
N ARG A 13 1.41 -5.06 3.17
CA ARG A 13 2.17 -6.20 2.70
C ARG A 13 2.35 -7.18 3.85
N LEU A 14 2.70 -6.66 5.02
CA LEU A 14 2.95 -7.43 6.23
C LEU A 14 1.74 -8.27 6.64
N ARG A 15 0.55 -7.71 6.48
CA ARG A 15 -0.70 -8.43 6.77
C ARG A 15 -0.78 -9.66 5.89
N CYS A 16 -0.54 -9.46 4.61
CA CYS A 16 -0.57 -10.54 3.66
C CYS A 16 0.57 -11.50 3.86
N GLN A 17 1.70 -11.02 4.39
CA GLN A 17 2.85 -11.87 4.70
C GLN A 17 2.50 -12.92 5.76
N VAL A 18 1.60 -12.56 6.65
CA VAL A 18 1.21 -13.47 7.71
C VAL A 18 0.09 -14.39 7.22
N ALA A 19 -0.88 -13.83 6.52
CA ALA A 19 -2.02 -14.60 6.05
C ALA A 19 -1.64 -15.51 4.89
N GLU A 20 -0.87 -15.01 3.98
CA GLU A 20 -0.50 -15.71 2.78
C GLU A 20 0.99 -15.94 2.70
N ARG A 21 1.39 -17.12 2.31
CA ARG A 21 2.79 -17.41 2.15
C ARG A 21 3.17 -17.32 0.70
N GLY A 22 2.20 -17.07 -0.13
CA GLY A 22 2.42 -16.96 -1.53
C GLY A 22 3.01 -15.60 -1.89
N VAL A 23 3.98 -15.60 -2.77
CA VAL A 23 4.65 -14.36 -3.15
C VAL A 23 3.75 -13.48 -4.02
N GLU A 24 2.96 -14.11 -4.88
CA GLU A 24 2.05 -13.39 -5.76
C GLU A 24 0.90 -12.81 -4.97
N GLN A 25 0.55 -13.49 -3.91
CA GLN A 25 -0.52 -13.07 -3.01
C GLN A 25 -0.16 -11.74 -2.37
N GLN A 26 1.01 -11.70 -1.77
CA GLN A 26 1.53 -10.50 -1.14
C GLN A 26 1.79 -9.42 -2.19
N ARG A 27 2.14 -9.87 -3.39
CA ARG A 27 2.39 -8.97 -4.49
C ARG A 27 1.11 -8.30 -4.95
N LYS A 28 -0.02 -9.02 -4.92
CA LYS A 28 -1.31 -8.40 -5.23
C LYS A 28 -1.59 -7.32 -4.22
N CYS A 29 -1.33 -7.65 -2.96
CA CYS A 29 -1.50 -6.75 -1.85
C CYS A 29 -0.70 -5.47 -2.04
N GLU A 30 0.58 -5.58 -2.37
CA GLU A 30 1.41 -4.41 -2.54
C GLU A 30 0.90 -3.54 -3.69
N GLN A 31 0.52 -4.18 -4.80
CA GLN A 31 0.05 -3.46 -5.98
C GLN A 31 -1.23 -2.67 -5.69
N VAL A 32 -2.19 -3.31 -5.02
CA VAL A 32 -3.45 -2.66 -4.69
C VAL A 32 -3.21 -1.46 -3.77
N CYS A 33 -2.42 -1.66 -2.74
CA CYS A 33 -2.11 -0.59 -1.83
C CYS A 33 -1.19 0.46 -2.47
N GLU A 34 -0.36 0.05 -3.42
CA GLU A 34 0.56 0.94 -4.12
C GLU A 34 -0.21 1.96 -4.93
N GLU A 35 -1.36 1.55 -5.43
CA GLU A 35 -2.23 2.46 -6.17
C GLU A 35 -2.70 3.59 -5.27
N ARG A 36 -2.93 3.27 -4.01
CA ARG A 36 -3.40 4.24 -3.03
C ARG A 36 -2.25 5.18 -2.68
N LEU A 37 -1.04 4.64 -2.74
CA LEU A 37 0.16 5.40 -2.51
C LEU A 37 0.41 6.38 -3.64
N ARG A 38 0.07 5.96 -4.85
CA ARG A 38 0.16 6.84 -6.01
C ARG A 38 -0.89 7.93 -5.90
N GLU A 39 -2.03 7.61 -5.29
CA GLU A 39 -3.07 8.59 -4.99
C GLU A 39 -2.58 9.60 -3.97
N ARG A 40 -1.56 9.23 -3.24
CA ARG A 40 -1.00 10.12 -2.24
C ARG A 40 0.04 11.02 -2.90
N GLU A 41 0.68 10.51 -3.94
CA GLU A 41 1.61 11.29 -4.76
C GLU A 41 0.81 12.22 -5.66
N GLN A 42 -0.46 11.89 -5.77
CA GLN A 42 -1.46 12.66 -6.48
C GLN A 42 -2.05 13.69 -5.51
N GLY A 43 -1.57 13.64 -4.28
CA GLY A 43 -2.06 14.46 -3.22
C GLY A 43 -3.29 13.83 -2.66
N ARG A 44 -4.36 14.01 -3.36
CA ARG A 44 -5.62 13.42 -3.05
C ARG A 44 -6.39 13.35 -4.34
N GLY A 45 -7.61 12.90 -4.30
CA GLY A 45 -8.40 12.83 -5.48
C GLY A 45 -9.06 14.15 -5.78
N GLU A 46 -8.24 15.15 -6.03
CA GLU A 46 -8.73 16.47 -6.30
C GLU A 46 -8.94 16.66 -7.80
N ASP A 47 -10.05 16.15 -8.26
CA ASP A 47 -10.41 16.23 -9.66
C ASP A 47 -11.10 17.56 -9.91
N VAL A 48 -11.88 17.96 -8.95
CA VAL A 48 -12.56 19.21 -8.98
C VAL A 48 -12.51 19.86 -7.61
N ASP A 49 -11.67 20.84 -7.48
CA ASP A 49 -11.52 21.58 -6.25
C ASP A 49 -12.31 22.85 -6.35
N ARG A 2 -0.23 11.50 12.70
CA ARG A 2 0.67 10.92 11.74
C ARG A 2 -0.07 10.74 10.44
N GLY A 3 0.63 10.91 9.35
CA GLY A 3 0.03 10.77 8.06
C GLY A 3 0.97 10.16 7.06
N SER A 4 1.81 9.25 7.54
CA SER A 4 2.75 8.57 6.68
C SER A 4 2.03 7.60 5.76
N PRO A 5 2.19 7.76 4.45
CA PRO A 5 1.57 6.88 3.47
C PRO A 5 2.24 5.53 3.46
N ARG A 6 3.52 5.50 3.82
CA ARG A 6 4.25 4.28 3.72
C ARG A 6 4.01 3.41 4.93
N ALA A 7 3.69 4.02 6.06
CA ALA A 7 3.37 3.28 7.27
C ALA A 7 2.20 2.33 7.00
N GLU A 8 1.18 2.86 6.35
CA GLU A 8 0.00 2.09 5.96
C GLU A 8 0.39 1.03 4.95
N TYR A 9 1.23 1.43 4.00
CA TYR A 9 1.72 0.60 2.92
C TYR A 9 2.47 -0.64 3.46
N GLU A 10 3.39 -0.41 4.37
CA GLU A 10 4.17 -1.48 4.96
C GLU A 10 3.26 -2.47 5.67
N VAL A 11 2.34 -1.96 6.51
CA VAL A 11 1.37 -2.80 7.23
C VAL A 11 0.51 -3.59 6.25
N CYS A 12 0.12 -2.93 5.19
CA CYS A 12 -0.67 -3.50 4.11
C CYS A 12 -0.01 -4.78 3.56
N ARG A 13 1.27 -4.69 3.26
CA ARG A 13 1.97 -5.83 2.71
C ARG A 13 2.40 -6.79 3.82
N LEU A 14 2.64 -6.25 5.02
CA LEU A 14 3.02 -7.03 6.19
C LEU A 14 1.96 -8.03 6.54
N ARG A 15 0.69 -7.60 6.54
CA ARG A 15 -0.45 -8.51 6.80
C ARG A 15 -0.39 -9.71 5.87
N CYS A 16 -0.17 -9.42 4.62
CA CYS A 16 -0.09 -10.44 3.60
C CYS A 16 1.14 -11.30 3.75
N GLN A 17 2.25 -10.73 4.24
CA GLN A 17 3.47 -11.52 4.42
C GLN A 17 3.34 -12.46 5.61
N VAL A 18 2.50 -12.11 6.54
CA VAL A 18 2.25 -12.97 7.67
C VAL A 18 1.27 -14.07 7.25
N ALA A 19 0.20 -13.65 6.60
CA ALA A 19 -0.85 -14.57 6.15
C ALA A 19 -0.35 -15.51 5.05
N GLU A 20 0.25 -14.95 4.05
CA GLU A 20 0.69 -15.67 2.89
C GLU A 20 2.20 -15.56 2.75
N ARG A 21 2.84 -16.54 2.19
CA ARG A 21 4.24 -16.42 1.92
C ARG A 21 4.50 -16.63 0.44
N GLY A 22 3.44 -16.54 -0.32
CA GLY A 22 3.53 -16.65 -1.75
C GLY A 22 3.83 -15.30 -2.35
N VAL A 23 4.70 -15.29 -3.34
CA VAL A 23 5.19 -14.07 -3.96
C VAL A 23 4.05 -13.27 -4.60
N GLU A 24 3.27 -13.93 -5.45
CA GLU A 24 2.18 -13.27 -6.18
C GLU A 24 1.14 -12.70 -5.23
N GLN A 25 0.81 -13.43 -4.18
CA GLN A 25 -0.17 -12.98 -3.20
C GLN A 25 0.26 -11.68 -2.54
N GLN A 26 1.51 -11.64 -2.12
CA GLN A 26 2.07 -10.47 -1.45
C GLN A 26 2.22 -9.32 -2.45
N ARG A 27 2.51 -9.67 -3.69
CA ARG A 27 2.61 -8.69 -4.77
C ARG A 27 1.27 -8.00 -5.01
N LYS A 28 0.20 -8.77 -5.01
CA LYS A 28 -1.11 -8.19 -5.21
C LYS A 28 -1.44 -7.22 -4.08
N CYS A 29 -0.97 -7.57 -2.91
CA CYS A 29 -1.11 -6.75 -1.72
C CYS A 29 -0.33 -5.44 -1.84
N GLU A 30 0.94 -5.52 -2.29
CA GLU A 30 1.74 -4.33 -2.43
C GLU A 30 1.14 -3.43 -3.50
N GLN A 31 0.62 -4.04 -4.56
CA GLN A 31 0.03 -3.30 -5.66
C GLN A 31 -1.19 -2.51 -5.26
N VAL A 32 -2.12 -3.13 -4.51
CA VAL A 32 -3.35 -2.43 -4.08
C VAL A 32 -3.02 -1.16 -3.30
N CYS A 33 -2.03 -1.25 -2.45
CA CYS A 33 -1.63 -0.12 -1.66
C CYS A 33 -0.71 0.83 -2.43
N GLU A 34 0.06 0.31 -3.36
CA GLU A 34 0.94 1.12 -4.21
C GLU A 34 0.09 2.02 -5.10
N GLU A 35 -0.98 1.47 -5.62
CA GLU A 35 -1.88 2.20 -6.50
C GLU A 35 -2.60 3.30 -5.76
N ARG A 36 -2.79 3.11 -4.47
CA ARG A 36 -3.41 4.13 -3.65
C ARG A 36 -2.37 5.20 -3.37
N LEU A 37 -1.13 4.77 -3.20
CA LEU A 37 -0.06 5.67 -2.89
C LEU A 37 0.33 6.54 -4.04
N ARG A 38 0.18 6.06 -5.28
CA ARG A 38 0.51 6.85 -6.49
C ARG A 38 -0.21 8.17 -6.42
N GLU A 39 -1.46 8.06 -6.05
CA GLU A 39 -2.39 9.16 -6.01
C GLU A 39 -2.02 10.11 -4.88
N ARG A 40 -1.38 9.59 -3.85
CA ARG A 40 -1.08 10.38 -2.71
C ARG A 40 0.32 10.99 -2.82
N GLU A 41 1.22 10.30 -3.46
CA GLU A 41 2.56 10.81 -3.63
C GLU A 41 2.62 11.81 -4.77
N GLN A 42 1.86 11.55 -5.81
CA GLN A 42 1.79 12.48 -6.94
C GLN A 42 0.64 13.44 -6.73
N GLY A 43 0.13 13.42 -5.53
CA GLY A 43 -0.91 14.30 -5.13
C GLY A 43 -0.58 14.87 -3.79
N ARG A 44 0.71 14.98 -3.54
CA ARG A 44 1.23 15.45 -2.29
C ARG A 44 0.97 16.94 -2.16
N GLY A 45 1.27 17.63 -3.20
CA GLY A 45 1.11 19.05 -3.22
C GLY A 45 1.87 19.60 -4.35
N GLU A 46 1.43 19.25 -5.53
CA GLU A 46 2.15 19.59 -6.73
C GLU A 46 2.00 21.06 -7.05
N ASP A 47 0.95 21.65 -6.55
CA ASP A 47 0.72 23.07 -6.73
C ASP A 47 1.03 23.83 -5.47
N VAL A 48 0.55 23.34 -4.35
CA VAL A 48 0.84 23.95 -3.08
C VAL A 48 1.64 23.00 -2.19
N ASP A 49 2.87 23.34 -1.94
CA ASP A 49 3.73 22.52 -1.12
C ASP A 49 4.18 23.31 0.07
N ARG A 2 1.63 6.68 12.29
CA ARG A 2 0.32 6.08 12.14
C ARG A 2 -0.44 6.86 11.10
N GLY A 3 -1.06 6.17 10.17
CA GLY A 3 -1.85 6.82 9.14
C GLY A 3 -1.01 7.45 8.05
N SER A 4 0.27 7.28 8.11
CA SER A 4 1.15 7.82 7.13
C SER A 4 1.34 6.83 5.98
N PRO A 5 1.26 7.33 4.72
CA PRO A 5 1.30 6.51 3.49
C PRO A 5 2.40 5.44 3.46
N ARG A 6 3.63 5.85 3.71
CA ARG A 6 4.79 4.95 3.63
C ARG A 6 4.68 3.84 4.66
N ALA A 7 4.32 4.20 5.87
CA ALA A 7 4.14 3.24 6.94
C ALA A 7 3.01 2.30 6.61
N GLU A 8 1.87 2.86 6.18
CA GLU A 8 0.70 2.05 5.83
C GLU A 8 0.99 1.13 4.66
N TYR A 9 1.86 1.56 3.77
CA TYR A 9 2.27 0.75 2.63
C TYR A 9 2.91 -0.53 3.12
N GLU A 10 3.85 -0.38 4.03
CA GLU A 10 4.56 -1.51 4.56
C GLU A 10 3.63 -2.39 5.40
N VAL A 11 2.79 -1.75 6.20
CA VAL A 11 1.82 -2.46 7.04
C VAL A 11 0.85 -3.28 6.18
N CYS A 12 0.38 -2.67 5.09
CA CYS A 12 -0.53 -3.32 4.15
C CYS A 12 0.11 -4.60 3.59
N ARG A 13 1.40 -4.53 3.28
CA ARG A 13 2.14 -5.69 2.77
C ARG A 13 2.31 -6.70 3.89
N LEU A 14 2.67 -6.21 5.07
CA LEU A 14 2.91 -7.02 6.27
C LEU A 14 1.70 -7.89 6.60
N ARG A 15 0.51 -7.30 6.52
CA ARG A 15 -0.74 -8.01 6.81
C ARG A 15 -0.88 -9.24 5.92
N CYS A 16 -0.61 -9.06 4.63
CA CYS A 16 -0.69 -10.14 3.68
C CYS A 16 0.41 -11.17 3.89
N GLN A 17 1.58 -10.72 4.33
CA GLN A 17 2.71 -11.62 4.59
C GLN A 17 2.38 -12.61 5.70
N VAL A 18 1.57 -12.17 6.63
CA VAL A 18 1.17 -13.00 7.73
C VAL A 18 -0.03 -13.88 7.31
N ALA A 19 -0.81 -13.39 6.37
CA ALA A 19 -1.99 -14.12 5.92
C ALA A 19 -1.64 -15.23 4.93
N GLU A 20 -0.89 -14.92 3.91
CA GLU A 20 -0.48 -15.90 2.93
C GLU A 20 0.97 -15.70 2.63
N ARG A 21 1.68 -16.77 2.38
CA ARG A 21 3.09 -16.69 2.10
C ARG A 21 3.37 -16.85 0.62
N GLY A 22 2.32 -16.86 -0.15
CA GLY A 22 2.45 -17.02 -1.57
C GLY A 22 2.97 -15.77 -2.23
N VAL A 23 3.89 -15.95 -3.16
CA VAL A 23 4.57 -14.83 -3.83
C VAL A 23 3.58 -13.99 -4.62
N GLU A 24 2.72 -14.64 -5.37
CA GLU A 24 1.75 -13.94 -6.18
C GLU A 24 0.71 -13.28 -5.32
N GLN A 25 0.30 -13.97 -4.27
CA GLN A 25 -0.70 -13.45 -3.35
C GLN A 25 -0.24 -12.15 -2.70
N GLN A 26 0.98 -12.16 -2.19
CA GLN A 26 1.52 -10.98 -1.55
C GLN A 26 1.78 -9.90 -2.58
N ARG A 27 2.16 -10.29 -3.79
CA ARG A 27 2.40 -9.33 -4.84
C ARG A 27 1.10 -8.66 -5.29
N LYS A 28 0.00 -9.43 -5.30
CA LYS A 28 -1.32 -8.88 -5.57
C LYS A 28 -1.62 -7.81 -4.53
N CYS A 29 -1.31 -8.13 -3.28
CA CYS A 29 -1.45 -7.21 -2.18
C CYS A 29 -0.60 -5.96 -2.39
N GLU A 30 0.72 -6.16 -2.62
CA GLU A 30 1.67 -5.05 -2.79
C GLU A 30 1.18 -4.04 -3.80
N GLN A 31 0.70 -4.55 -4.92
CA GLN A 31 0.19 -3.73 -6.01
C GLN A 31 -1.03 -2.90 -5.58
N VAL A 32 -1.99 -3.54 -4.92
CA VAL A 32 -3.17 -2.82 -4.45
C VAL A 32 -2.77 -1.77 -3.41
N CYS A 33 -1.88 -2.16 -2.51
CA CYS A 33 -1.37 -1.26 -1.49
C CYS A 33 -0.64 -0.07 -2.14
N GLU A 34 0.05 -0.35 -3.23
CA GLU A 34 0.84 0.64 -3.92
C GLU A 34 -0.05 1.59 -4.72
N GLU A 35 -1.18 1.12 -5.19
CA GLU A 35 -2.12 1.99 -5.90
C GLU A 35 -2.76 2.97 -4.93
N ARG A 36 -2.94 2.54 -3.69
CA ARG A 36 -3.41 3.44 -2.65
C ARG A 36 -2.35 4.50 -2.37
N LEU A 37 -1.12 4.08 -2.40
CA LEU A 37 0.01 4.99 -2.23
C LEU A 37 0.08 5.96 -3.39
N ARG A 38 -0.19 5.44 -4.57
CA ARG A 38 -0.26 6.21 -5.81
C ARG A 38 -1.28 7.34 -5.71
N GLU A 39 -2.49 7.03 -5.27
CA GLU A 39 -3.52 8.05 -5.16
C GLU A 39 -3.18 9.09 -4.11
N ARG A 40 -2.53 8.63 -3.05
CA ARG A 40 -2.19 9.51 -1.95
C ARG A 40 -0.92 10.34 -2.25
N GLU A 41 -0.17 10.00 -3.29
CA GLU A 41 1.01 10.79 -3.63
C GLU A 41 0.75 11.74 -4.79
N GLN A 42 -0.26 11.46 -5.57
CA GLN A 42 -0.54 12.27 -6.75
C GLN A 42 -1.42 13.45 -6.36
N GLY A 43 -1.94 13.37 -5.18
CA GLY A 43 -2.73 14.39 -4.59
C GLY A 43 -2.76 14.09 -3.14
N ARG A 44 -2.98 15.07 -2.30
CA ARG A 44 -3.00 14.80 -0.87
C ARG A 44 -4.27 14.06 -0.51
N GLY A 45 -4.10 12.78 -0.32
CA GLY A 45 -5.20 11.88 -0.10
C GLY A 45 -5.57 11.25 -1.41
N GLU A 46 -5.85 12.11 -2.36
CA GLU A 46 -6.17 11.80 -3.74
C GLU A 46 -6.34 13.15 -4.43
N ASP A 47 -6.09 13.22 -5.69
CA ASP A 47 -6.23 14.46 -6.43
C ASP A 47 -7.65 14.58 -6.98
N VAL A 48 -8.05 13.59 -7.75
CA VAL A 48 -9.38 13.57 -8.30
C VAL A 48 -9.98 12.17 -8.14
N ASP A 49 -11.22 12.11 -7.68
CA ASP A 49 -11.92 10.87 -7.48
C ASP A 49 -12.43 10.36 -8.80
N ARG A 2 -2.03 11.70 10.66
CA ARG A 2 -1.25 10.48 10.75
C ARG A 2 -1.47 9.62 9.54
N GLY A 3 -2.11 10.19 8.54
CA GLY A 3 -2.38 9.49 7.32
C GLY A 3 -1.19 9.52 6.41
N SER A 4 -0.12 8.97 6.88
CA SER A 4 1.11 8.94 6.19
C SER A 4 1.09 7.82 5.14
N PRO A 5 1.53 8.13 3.91
CA PRO A 5 1.54 7.17 2.80
C PRO A 5 2.27 5.86 3.14
N ARG A 6 3.50 5.95 3.66
CA ARG A 6 4.28 4.74 3.92
C ARG A 6 3.72 3.93 5.09
N ALA A 7 2.96 4.59 5.95
CA ALA A 7 2.35 3.92 7.08
C ALA A 7 1.34 2.91 6.56
N GLU A 8 0.42 3.41 5.74
CA GLU A 8 -0.59 2.58 5.11
C GLU A 8 0.05 1.61 4.12
N TYR A 9 1.16 2.02 3.55
CA TYR A 9 1.88 1.25 2.56
C TYR A 9 2.46 -0.03 3.18
N GLU A 10 3.33 0.15 4.14
CA GLU A 10 4.07 -0.94 4.71
C GLU A 10 3.19 -1.90 5.49
N VAL A 11 2.19 -1.39 6.21
CA VAL A 11 1.27 -2.26 6.96
C VAL A 11 0.43 -3.10 5.99
N CYS A 12 0.03 -2.49 4.89
CA CYS A 12 -0.71 -3.16 3.82
C CYS A 12 0.11 -4.33 3.27
N ARG A 13 1.39 -4.09 3.05
CA ARG A 13 2.30 -5.12 2.54
C ARG A 13 2.48 -6.19 3.62
N LEU A 14 2.72 -5.73 4.85
CA LEU A 14 2.98 -6.59 6.00
C LEU A 14 1.90 -7.64 6.16
N ARG A 15 0.65 -7.18 6.24
CA ARG A 15 -0.47 -8.06 6.48
C ARG A 15 -0.58 -9.14 5.42
N CYS A 16 -0.56 -8.77 4.17
CA CYS A 16 -0.66 -9.76 3.11
C CYS A 16 0.57 -10.64 2.99
N GLN A 17 1.74 -10.12 3.32
CA GLN A 17 2.96 -10.93 3.29
C GLN A 17 2.93 -12.00 4.38
N VAL A 18 2.32 -11.68 5.49
CA VAL A 18 2.21 -12.63 6.58
C VAL A 18 1.00 -13.55 6.40
N ALA A 19 -0.11 -13.00 5.95
CA ALA A 19 -1.34 -13.77 5.77
C ALA A 19 -1.23 -14.75 4.61
N GLU A 20 -0.65 -14.30 3.51
CA GLU A 20 -0.48 -15.13 2.34
C GLU A 20 1.00 -15.41 2.15
N ARG A 21 1.35 -16.64 1.85
CA ARG A 21 2.76 -16.98 1.65
C ARG A 21 3.04 -17.24 0.18
N GLY A 22 2.07 -16.97 -0.65
CA GLY A 22 2.23 -17.18 -2.06
C GLY A 22 2.64 -15.90 -2.74
N VAL A 23 3.58 -16.01 -3.66
CA VAL A 23 4.18 -14.85 -4.35
C VAL A 23 3.13 -14.01 -5.09
N GLU A 24 2.30 -14.65 -5.90
CA GLU A 24 1.32 -13.94 -6.73
C GLU A 24 0.26 -13.25 -5.88
N GLN A 25 -0.13 -13.89 -4.81
CA GLN A 25 -1.15 -13.33 -3.94
C GLN A 25 -0.63 -12.12 -3.19
N GLN A 26 0.63 -12.19 -2.76
CA GLN A 26 1.24 -11.07 -2.08
C GLN A 26 1.39 -9.92 -3.06
N ARG A 27 1.81 -10.25 -4.29
CA ARG A 27 1.94 -9.26 -5.36
C ARG A 27 0.64 -8.51 -5.57
N LYS A 28 -0.46 -9.24 -5.73
CA LYS A 28 -1.79 -8.64 -5.92
C LYS A 28 -2.15 -7.73 -4.75
N CYS A 29 -1.86 -8.19 -3.55
CA CYS A 29 -2.08 -7.42 -2.35
C CYS A 29 -1.26 -6.14 -2.35
N GLU A 30 0.02 -6.26 -2.65
CA GLU A 30 0.92 -5.13 -2.61
C GLU A 30 0.67 -4.15 -3.73
N GLN A 31 0.01 -4.60 -4.80
CA GLN A 31 -0.42 -3.71 -5.86
C GLN A 31 -1.42 -2.70 -5.32
N VAL A 32 -2.29 -3.15 -4.41
CA VAL A 32 -3.27 -2.28 -3.78
C VAL A 32 -2.54 -1.22 -2.96
N CYS A 33 -1.52 -1.67 -2.24
CA CYS A 33 -0.71 -0.80 -1.42
C CYS A 33 -0.05 0.29 -2.29
N GLU A 34 0.55 -0.15 -3.39
CA GLU A 34 1.23 0.74 -4.29
C GLU A 34 0.26 1.67 -5.01
N GLU A 35 -0.86 1.13 -5.49
CA GLU A 35 -1.86 1.93 -6.18
C GLU A 35 -2.48 2.98 -5.28
N ARG A 36 -2.65 2.66 -4.01
CA ARG A 36 -3.14 3.63 -3.05
C ARG A 36 -2.15 4.79 -2.90
N LEU A 37 -0.87 4.48 -3.00
CA LEU A 37 0.13 5.52 -3.00
C LEU A 37 0.24 6.23 -4.32
N ARG A 38 -0.13 5.56 -5.40
CA ARG A 38 -0.17 6.20 -6.70
C ARG A 38 -1.24 7.28 -6.65
N GLU A 39 -2.29 7.02 -5.88
CA GLU A 39 -3.34 7.98 -5.63
C GLU A 39 -2.82 9.20 -4.85
N ARG A 40 -1.67 9.05 -4.20
CA ARG A 40 -1.02 10.15 -3.53
C ARG A 40 -0.15 10.90 -4.52
N GLU A 41 0.62 10.14 -5.29
CA GLU A 41 1.58 10.69 -6.25
C GLU A 41 0.88 11.38 -7.40
N GLN A 42 -0.14 10.75 -7.91
CA GLN A 42 -0.89 11.28 -9.03
C GLN A 42 -2.04 12.14 -8.54
N GLY A 43 -2.35 11.99 -7.27
CA GLY A 43 -3.43 12.73 -6.67
C GLY A 43 -4.76 12.37 -7.27
N ARG A 44 -5.38 13.32 -7.90
CA ARG A 44 -6.64 13.10 -8.55
C ARG A 44 -6.53 13.45 -10.02
N GLY A 45 -5.33 13.71 -10.46
CA GLY A 45 -5.12 14.10 -11.83
C GLY A 45 -3.94 14.98 -12.00
N GLU A 46 -2.77 14.46 -11.69
CA GLU A 46 -1.53 15.18 -11.90
C GLU A 46 -1.32 15.22 -13.40
N ASP A 47 -1.63 14.12 -13.99
CA ASP A 47 -1.59 13.92 -15.40
C ASP A 47 -2.98 14.22 -15.87
N VAL A 48 -3.17 15.36 -16.45
CA VAL A 48 -4.49 15.82 -16.88
C VAL A 48 -5.01 14.97 -18.03
N ASP A 49 -5.75 13.96 -17.71
CA ASP A 49 -6.32 13.04 -18.66
C ASP A 49 -7.40 12.26 -17.95
N ARG A 2 0.09 9.69 12.44
CA ARG A 2 -0.35 8.37 12.79
C ARG A 2 -1.03 7.71 11.61
N GLY A 3 -0.32 6.80 10.99
CA GLY A 3 -0.78 6.19 9.79
C GLY A 3 -0.15 6.86 8.60
N SER A 4 1.17 6.98 8.64
CA SER A 4 1.91 7.62 7.57
C SER A 4 1.78 6.80 6.27
N PRO A 5 1.78 7.48 5.09
CA PRO A 5 1.57 6.84 3.78
C PRO A 5 2.41 5.58 3.53
N ARG A 6 3.71 5.67 3.72
CA ARG A 6 4.58 4.54 3.40
C ARG A 6 4.47 3.48 4.49
N ALA A 7 4.10 3.89 5.68
CA ALA A 7 3.87 2.97 6.76
C ALA A 7 2.68 2.11 6.43
N GLU A 8 1.58 2.75 6.05
CA GLU A 8 0.34 2.07 5.65
C GLU A 8 0.58 1.13 4.48
N TYR A 9 1.48 1.54 3.60
CA TYR A 9 1.91 0.75 2.48
C TYR A 9 2.53 -0.57 2.98
N GLU A 10 3.49 -0.45 3.88
CA GLU A 10 4.16 -1.60 4.46
C GLU A 10 3.21 -2.42 5.33
N VAL A 11 2.30 -1.76 6.04
CA VAL A 11 1.29 -2.45 6.87
C VAL A 11 0.47 -3.39 6.01
N CYS A 12 0.02 -2.89 4.87
CA CYS A 12 -0.74 -3.67 3.88
C CYS A 12 0.01 -4.95 3.52
N ARG A 13 1.29 -4.79 3.28
CA ARG A 13 2.15 -5.88 2.87
C ARG A 13 2.37 -6.84 4.05
N LEU A 14 2.55 -6.26 5.23
CA LEU A 14 2.78 -7.01 6.45
C LEU A 14 1.58 -7.90 6.78
N ARG A 15 0.38 -7.36 6.59
CA ARG A 15 -0.84 -8.12 6.87
C ARG A 15 -0.98 -9.26 5.87
N CYS A 16 -0.64 -9.01 4.63
CA CYS A 16 -0.70 -10.03 3.63
C CYS A 16 0.34 -11.12 3.84
N GLN A 17 1.56 -10.75 4.17
CA GLN A 17 2.61 -11.77 4.34
C GLN A 17 2.34 -12.69 5.53
N VAL A 18 1.66 -12.21 6.53
CA VAL A 18 1.32 -13.06 7.65
C VAL A 18 0.09 -13.93 7.34
N ALA A 19 -0.87 -13.37 6.62
CA ALA A 19 -2.11 -14.09 6.31
C ALA A 19 -1.96 -15.05 5.13
N GLU A 20 -1.42 -14.55 4.05
CA GLU A 20 -1.29 -15.34 2.83
C GLU A 20 0.05 -16.04 2.80
N ARG A 21 0.17 -17.03 1.95
CA ARG A 21 1.39 -17.79 1.84
C ARG A 21 1.81 -17.95 0.38
N GLY A 22 1.08 -17.30 -0.49
CA GLY A 22 1.38 -17.36 -1.88
C GLY A 22 2.04 -16.09 -2.33
N VAL A 23 3.07 -16.20 -3.15
CA VAL A 23 3.86 -15.05 -3.59
C VAL A 23 3.03 -14.12 -4.46
N GLU A 24 2.18 -14.69 -5.29
CA GLU A 24 1.32 -13.89 -6.14
C GLU A 24 0.29 -13.06 -5.35
N GLN A 25 -0.19 -13.59 -4.25
CA GLN A 25 -1.11 -12.86 -3.39
C GLN A 25 -0.42 -11.66 -2.78
N GLN A 26 0.81 -11.86 -2.33
CA GLN A 26 1.58 -10.81 -1.68
C GLN A 26 1.91 -9.74 -2.70
N ARG A 27 2.30 -10.18 -3.89
CA ARG A 27 2.60 -9.28 -4.98
C ARG A 27 1.39 -8.44 -5.35
N LYS A 28 0.20 -9.06 -5.35
CA LYS A 28 -1.03 -8.33 -5.61
C LYS A 28 -1.35 -7.35 -4.49
N CYS A 29 -1.04 -7.73 -3.27
CA CYS A 29 -1.22 -6.86 -2.11
C CYS A 29 -0.42 -5.58 -2.25
N GLU A 30 0.88 -5.71 -2.49
CA GLU A 30 1.72 -4.55 -2.65
C GLU A 30 1.40 -3.80 -3.93
N GLN A 31 0.91 -4.52 -4.93
CA GLN A 31 0.48 -3.93 -6.18
C GLN A 31 -0.67 -2.95 -5.95
N VAL A 32 -1.77 -3.47 -5.40
CA VAL A 32 -2.97 -2.68 -5.17
C VAL A 32 -2.69 -1.58 -4.14
N CYS A 33 -1.92 -1.89 -3.14
CA CYS A 33 -1.58 -0.91 -2.15
C CYS A 33 -0.62 0.17 -2.68
N GLU A 34 0.25 -0.17 -3.61
CA GLU A 34 1.16 0.84 -4.15
C GLU A 34 0.39 1.79 -5.04
N GLU A 35 -0.52 1.27 -5.83
CA GLU A 35 -1.34 2.12 -6.67
C GLU A 35 -2.29 2.96 -5.80
N ARG A 36 -2.72 2.39 -4.67
CA ARG A 36 -3.51 3.12 -3.70
C ARG A 36 -2.70 4.31 -3.21
N LEU A 37 -1.44 4.03 -2.88
CA LEU A 37 -0.47 5.04 -2.47
C LEU A 37 -0.32 6.12 -3.54
N ARG A 38 -0.20 5.68 -4.79
CA ARG A 38 -0.07 6.61 -5.92
C ARG A 38 -1.31 7.50 -6.04
N GLU A 39 -2.47 6.95 -5.77
CA GLU A 39 -3.72 7.70 -5.78
C GLU A 39 -3.73 8.70 -4.64
N ARG A 40 -3.21 8.29 -3.49
CA ARG A 40 -3.13 9.16 -2.32
C ARG A 40 -2.16 10.31 -2.56
N GLU A 41 -1.04 10.02 -3.20
CA GLU A 41 -0.01 11.02 -3.48
C GLU A 41 -0.47 12.04 -4.50
N GLN A 42 -0.99 11.56 -5.62
CA GLN A 42 -1.33 12.47 -6.71
C GLN A 42 -2.74 13.01 -6.56
N GLY A 43 -3.49 12.45 -5.67
CA GLY A 43 -4.81 12.95 -5.40
C GLY A 43 -4.76 14.05 -4.36
N ARG A 44 -4.09 15.17 -4.69
CA ARG A 44 -3.91 16.32 -3.79
C ARG A 44 -3.30 15.89 -2.46
N GLY A 45 -2.36 14.93 -2.53
CA GLY A 45 -1.73 14.38 -1.35
C GLY A 45 -0.93 15.38 -0.59
N GLU A 46 -0.10 16.12 -1.29
CA GLU A 46 0.71 17.15 -0.65
C GLU A 46 0.16 18.51 -1.01
N ASP A 47 -0.63 18.55 -2.05
CA ASP A 47 -1.20 19.79 -2.53
C ASP A 47 -2.47 20.07 -1.80
N VAL A 48 -2.36 20.87 -0.78
CA VAL A 48 -3.51 21.26 0.00
C VAL A 48 -4.23 22.43 -0.63
N ASP A 49 -4.92 22.12 -1.70
CA ASP A 49 -5.69 23.05 -2.47
C ASP A 49 -6.87 22.32 -3.04
N ARG A 2 -2.85 12.40 8.11
CA ARG A 2 -3.40 11.26 8.85
C ARG A 2 -2.29 10.34 9.35
N GLY A 3 -1.08 10.62 8.94
CA GLY A 3 0.02 9.81 9.33
C GLY A 3 0.88 9.54 8.14
N SER A 4 1.60 8.47 8.18
CA SER A 4 2.52 8.13 7.14
C SER A 4 1.88 7.14 6.14
N PRO A 5 1.66 7.56 4.88
CA PRO A 5 1.08 6.67 3.84
C PRO A 5 1.99 5.48 3.56
N ARG A 6 3.29 5.69 3.74
CA ARG A 6 4.28 4.63 3.58
C ARG A 6 4.15 3.57 4.66
N ALA A 7 3.58 3.95 5.80
CA ALA A 7 3.33 3.00 6.86
C ALA A 7 2.17 2.13 6.44
N GLU A 8 1.14 2.77 5.88
CA GLU A 8 -0.04 2.08 5.35
C GLU A 8 0.40 1.05 4.30
N TYR A 9 1.40 1.43 3.55
CA TYR A 9 1.97 0.59 2.52
C TYR A 9 2.65 -0.64 3.12
N GLU A 10 3.61 -0.40 4.01
CA GLU A 10 4.39 -1.48 4.62
C GLU A 10 3.56 -2.40 5.50
N VAL A 11 2.60 -1.83 6.23
CA VAL A 11 1.69 -2.62 7.08
C VAL A 11 0.88 -3.59 6.22
N CYS A 12 0.38 -3.08 5.11
CA CYS A 12 -0.39 -3.86 4.14
C CYS A 12 0.41 -5.07 3.67
N ARG A 13 1.68 -4.84 3.36
CA ARG A 13 2.56 -5.89 2.89
C ARG A 13 2.87 -6.86 4.03
N LEU A 14 3.03 -6.33 5.23
CA LEU A 14 3.32 -7.13 6.42
C LEU A 14 2.20 -8.12 6.68
N ARG A 15 0.97 -7.62 6.61
CA ARG A 15 -0.23 -8.44 6.80
C ARG A 15 -0.19 -9.65 5.91
N CYS A 16 0.01 -9.40 4.66
CA CYS A 16 -0.01 -10.44 3.67
C CYS A 16 1.19 -11.38 3.77
N GLN A 17 2.33 -10.88 4.21
CA GLN A 17 3.49 -11.75 4.39
C GLN A 17 3.28 -12.71 5.57
N VAL A 18 2.53 -12.26 6.55
CA VAL A 18 2.26 -13.04 7.74
C VAL A 18 1.05 -13.96 7.54
N ALA A 19 -0.04 -13.42 7.05
CA ALA A 19 -1.29 -14.17 6.93
C ALA A 19 -1.39 -14.98 5.65
N GLU A 20 -0.99 -14.39 4.55
CA GLU A 20 -1.15 -15.02 3.27
C GLU A 20 0.05 -15.89 2.94
N ARG A 21 -0.21 -17.16 2.76
CA ARG A 21 0.86 -18.14 2.52
C ARG A 21 1.27 -18.22 1.07
N GLY A 22 0.66 -17.41 0.27
CA GLY A 22 0.97 -17.39 -1.12
C GLY A 22 1.69 -16.14 -1.52
N VAL A 23 2.70 -16.29 -2.37
CA VAL A 23 3.52 -15.18 -2.81
C VAL A 23 2.72 -14.23 -3.72
N GLU A 24 1.82 -14.79 -4.51
CA GLU A 24 1.04 -14.00 -5.43
C GLU A 24 0.05 -13.16 -4.68
N GLN A 25 -0.52 -13.72 -3.61
CA GLN A 25 -1.42 -12.97 -2.76
C GLN A 25 -0.70 -11.77 -2.17
N GLN A 26 0.52 -12.01 -1.70
CA GLN A 26 1.38 -10.98 -1.16
C GLN A 26 1.68 -9.91 -2.21
N ARG A 27 1.99 -10.31 -3.44
CA ARG A 27 2.27 -9.34 -4.51
C ARG A 27 1.04 -8.52 -4.86
N LYS A 28 -0.13 -9.16 -4.82
CA LYS A 28 -1.38 -8.48 -5.10
C LYS A 28 -1.66 -7.44 -4.03
N CYS A 29 -1.38 -7.82 -2.79
CA CYS A 29 -1.46 -6.92 -1.66
C CYS A 29 -0.57 -5.70 -1.90
N GLU A 30 0.67 -5.96 -2.31
CA GLU A 30 1.62 -4.91 -2.60
C GLU A 30 1.08 -3.99 -3.68
N GLN A 31 0.61 -4.59 -4.77
CA GLN A 31 0.07 -3.84 -5.91
C GLN A 31 -1.08 -2.92 -5.50
N VAL A 32 -2.12 -3.48 -4.91
CA VAL A 32 -3.31 -2.70 -4.54
C VAL A 32 -2.95 -1.59 -3.55
N CYS A 33 -2.02 -1.87 -2.67
CA CYS A 33 -1.60 -0.88 -1.72
C CYS A 33 -0.65 0.16 -2.33
N GLU A 34 0.07 -0.22 -3.35
CA GLU A 34 0.96 0.70 -4.01
C GLU A 34 0.13 1.66 -4.85
N GLU A 35 -0.99 1.18 -5.37
CA GLU A 35 -1.92 2.01 -6.13
C GLU A 35 -2.41 3.19 -5.29
N ARG A 36 -2.68 2.97 -4.00
CA ARG A 36 -3.12 4.06 -3.14
C ARG A 36 -1.94 4.97 -2.78
N LEU A 37 -0.74 4.41 -2.78
CA LEU A 37 0.48 5.18 -2.53
C LEU A 37 0.80 6.07 -3.72
N ARG A 38 0.56 5.55 -4.91
CA ARG A 38 0.74 6.29 -6.15
C ARG A 38 -0.15 7.53 -6.14
N GLU A 39 -1.35 7.41 -5.56
CA GLU A 39 -2.26 8.54 -5.40
C GLU A 39 -1.58 9.65 -4.59
N ARG A 40 -0.88 9.25 -3.56
CA ARG A 40 -0.26 10.20 -2.65
C ARG A 40 0.88 10.96 -3.32
N GLU A 41 1.59 10.32 -4.22
CA GLU A 41 2.70 10.98 -4.92
C GLU A 41 2.26 11.67 -6.20
N GLN A 42 1.10 11.30 -6.71
CA GLN A 42 0.54 11.99 -7.88
C GLN A 42 -0.26 13.18 -7.42
N GLY A 43 -0.66 13.12 -6.18
CA GLY A 43 -1.24 14.22 -5.51
C GLY A 43 -0.28 14.68 -4.46
N ARG A 44 0.95 14.94 -4.91
CA ARG A 44 2.05 15.33 -4.01
C ARG A 44 1.82 16.70 -3.42
N GLY A 45 1.16 17.54 -4.17
CA GLY A 45 0.82 18.84 -3.69
C GLY A 45 -0.66 18.92 -3.52
N GLU A 46 -1.11 19.86 -2.76
CA GLU A 46 -2.51 20.01 -2.54
C GLU A 46 -2.92 21.46 -2.64
N ASP A 47 -3.33 21.82 -3.81
CA ASP A 47 -3.87 23.14 -4.04
C ASP A 47 -5.37 22.99 -4.24
N VAL A 48 -5.71 21.83 -4.76
CA VAL A 48 -7.07 21.43 -4.99
C VAL A 48 -7.45 20.46 -3.90
N ASP A 49 -8.63 20.60 -3.36
CA ASP A 49 -9.12 19.69 -2.35
C ASP A 49 -10.07 18.73 -3.02
N ARG A 2 -6.96 5.01 10.06
CA ARG A 2 -6.21 5.56 8.97
C ARG A 2 -4.86 5.98 9.51
N GLY A 3 -3.81 5.43 8.97
CA GLY A 3 -2.51 5.76 9.42
C GLY A 3 -1.73 6.44 8.33
N SER A 4 -0.47 6.60 8.56
CA SER A 4 0.43 7.21 7.62
C SER A 4 0.54 6.29 6.39
N PRO A 5 0.27 6.82 5.18
CA PRO A 5 0.15 6.03 3.95
C PRO A 5 1.33 5.08 3.68
N ARG A 6 2.53 5.56 3.83
CA ARG A 6 3.74 4.79 3.51
C ARG A 6 4.01 3.75 4.60
N ALA A 7 3.56 4.04 5.79
CA ALA A 7 3.66 3.10 6.89
C ALA A 7 2.66 2.00 6.66
N GLU A 8 1.46 2.40 6.31
CA GLU A 8 0.38 1.50 5.98
C GLU A 8 0.72 0.65 4.78
N TYR A 9 1.53 1.18 3.88
CA TYR A 9 2.03 0.43 2.75
C TYR A 9 2.83 -0.77 3.24
N GLU A 10 3.79 -0.49 4.12
CA GLU A 10 4.62 -1.52 4.70
C GLU A 10 3.80 -2.49 5.56
N VAL A 11 2.87 -1.96 6.33
CA VAL A 11 2.01 -2.80 7.17
C VAL A 11 1.09 -3.67 6.29
N CYS A 12 0.65 -3.12 5.15
CA CYS A 12 -0.17 -3.87 4.16
C CYS A 12 0.56 -5.14 3.74
N ARG A 13 1.86 -4.98 3.49
CA ARG A 13 2.73 -6.08 3.09
C ARG A 13 2.81 -7.09 4.23
N LEU A 14 3.03 -6.58 5.44
CA LEU A 14 3.13 -7.38 6.65
C LEU A 14 1.86 -8.20 6.89
N ARG A 15 0.70 -7.56 6.73
CA ARG A 15 -0.60 -8.22 6.88
C ARG A 15 -0.72 -9.41 5.95
N CYS A 16 -0.30 -9.21 4.73
CA CYS A 16 -0.33 -10.27 3.77
C CYS A 16 0.71 -11.33 4.03
N GLN A 17 1.87 -10.97 4.55
CA GLN A 17 2.87 -11.97 4.89
C GLN A 17 2.38 -12.87 6.01
N VAL A 18 1.56 -12.32 6.88
CA VAL A 18 0.97 -13.10 7.94
C VAL A 18 -0.17 -13.99 7.41
N ALA A 19 -1.04 -13.40 6.61
CA ALA A 19 -2.22 -14.11 6.10
C ALA A 19 -1.89 -15.09 4.99
N GLU A 20 -1.16 -14.65 4.01
CA GLU A 20 -0.86 -15.46 2.85
C GLU A 20 0.58 -15.25 2.46
N ARG A 21 1.47 -16.03 3.01
CA ARG A 21 2.88 -15.84 2.75
C ARG A 21 3.33 -16.50 1.45
N GLY A 22 2.78 -15.99 0.37
CA GLY A 22 3.13 -16.44 -0.95
C GLY A 22 3.47 -15.27 -1.81
N VAL A 23 4.38 -15.45 -2.74
CA VAL A 23 4.90 -14.37 -3.58
C VAL A 23 3.80 -13.69 -4.39
N GLU A 24 2.97 -14.50 -5.05
CA GLU A 24 1.93 -13.97 -5.91
C GLU A 24 0.84 -13.27 -5.09
N GLN A 25 0.64 -13.78 -3.91
CA GLN A 25 -0.32 -13.24 -2.98
C GLN A 25 0.14 -11.85 -2.51
N GLN A 26 1.45 -11.70 -2.28
CA GLN A 26 2.03 -10.42 -1.90
C GLN A 26 1.90 -9.45 -3.05
N ARG A 27 2.07 -9.96 -4.26
CA ARG A 27 1.96 -9.15 -5.48
C ARG A 27 0.61 -8.46 -5.59
N LYS A 28 -0.44 -9.15 -5.19
CA LYS A 28 -1.78 -8.54 -5.16
C LYS A 28 -1.81 -7.41 -4.14
N CYS A 29 -1.41 -7.74 -2.93
CA CYS A 29 -1.37 -6.82 -1.81
C CYS A 29 -0.55 -5.57 -2.11
N GLU A 30 0.67 -5.80 -2.56
CA GLU A 30 1.59 -4.74 -2.87
C GLU A 30 1.10 -3.90 -4.02
N GLN A 31 0.44 -4.51 -5.00
CA GLN A 31 -0.09 -3.78 -6.14
C GLN A 31 -1.19 -2.81 -5.70
N VAL A 32 -2.21 -3.35 -5.04
CA VAL A 32 -3.36 -2.57 -4.59
C VAL A 32 -2.93 -1.44 -3.66
N CYS A 33 -2.12 -1.78 -2.68
CA CYS A 33 -1.64 -0.80 -1.72
C CYS A 33 -0.68 0.22 -2.38
N GLU A 34 0.12 -0.21 -3.34
CA GLU A 34 1.06 0.72 -3.99
C GLU A 34 0.32 1.70 -4.86
N GLU A 35 -0.71 1.24 -5.56
CA GLU A 35 -1.50 2.15 -6.38
C GLU A 35 -2.22 3.17 -5.50
N ARG A 36 -2.58 2.76 -4.30
CA ARG A 36 -3.23 3.64 -3.33
C ARG A 36 -2.21 4.71 -2.88
N LEU A 37 -0.98 4.26 -2.73
CA LEU A 37 0.14 5.10 -2.34
C LEU A 37 0.55 6.04 -3.45
N ARG A 38 0.51 5.56 -4.66
CA ARG A 38 0.85 6.31 -5.85
C ARG A 38 -0.02 7.55 -5.95
N GLU A 39 -1.29 7.41 -5.59
CA GLU A 39 -2.23 8.52 -5.56
C GLU A 39 -1.76 9.61 -4.61
N ARG A 40 -1.13 9.21 -3.52
CA ARG A 40 -0.70 10.13 -2.49
C ARG A 40 0.66 10.74 -2.82
N GLU A 41 1.60 9.91 -3.24
CA GLU A 41 2.97 10.35 -3.48
C GLU A 41 3.12 11.07 -4.82
N GLN A 42 2.56 10.48 -5.87
CA GLN A 42 2.73 11.03 -7.22
C GLN A 42 1.66 12.07 -7.52
N GLY A 43 0.57 12.00 -6.81
CA GLY A 43 -0.48 12.93 -7.02
C GLY A 43 -0.78 13.71 -5.77
N ARG A 44 -1.98 14.22 -5.68
CA ARG A 44 -2.41 14.96 -4.49
C ARG A 44 -3.55 14.17 -3.89
N GLY A 45 -3.56 12.91 -4.18
CA GLY A 45 -4.64 12.05 -3.84
C GLY A 45 -5.60 12.06 -4.98
N GLU A 46 -6.26 13.17 -5.11
CA GLU A 46 -7.16 13.46 -6.16
C GLU A 46 -7.37 14.94 -6.13
N ASP A 47 -7.63 15.51 -7.26
CA ASP A 47 -7.87 16.93 -7.33
C ASP A 47 -9.29 17.19 -6.93
N VAL A 48 -9.47 17.50 -5.69
CA VAL A 48 -10.75 17.73 -5.10
C VAL A 48 -10.56 18.48 -3.78
N ASP A 49 -11.42 19.40 -3.51
CA ASP A 49 -11.34 20.21 -2.31
C ASP A 49 -12.38 19.75 -1.31
N ARG A 2 5.17 11.62 11.04
CA ARG A 2 4.50 10.34 11.05
C ARG A 2 3.14 10.47 10.40
N GLY A 3 2.45 9.36 10.23
CA GLY A 3 1.20 9.36 9.51
C GLY A 3 1.50 9.28 8.05
N SER A 4 2.57 8.59 7.77
CA SER A 4 3.11 8.48 6.46
C SER A 4 2.54 7.25 5.76
N PRO A 5 1.90 7.43 4.58
CA PRO A 5 1.31 6.32 3.81
C PRO A 5 2.35 5.27 3.41
N ARG A 6 3.63 5.64 3.37
CA ARG A 6 4.71 4.71 3.05
C ARG A 6 4.78 3.59 4.09
N ALA A 7 4.52 3.95 5.34
CA ALA A 7 4.55 3.00 6.42
C ALA A 7 3.32 2.15 6.32
N GLU A 8 2.20 2.81 6.02
CA GLU A 8 0.91 2.14 5.84
C GLU A 8 1.00 1.11 4.73
N TYR A 9 1.73 1.44 3.68
CA TYR A 9 1.97 0.55 2.57
C TYR A 9 2.68 -0.72 3.04
N GLU A 10 3.71 -0.54 3.83
CA GLU A 10 4.48 -1.64 4.37
C GLU A 10 3.65 -2.47 5.37
N VAL A 11 2.74 -1.80 6.08
CA VAL A 11 1.81 -2.46 6.99
C VAL A 11 0.76 -3.23 6.20
N CYS A 12 0.31 -2.63 5.10
CA CYS A 12 -0.64 -3.24 4.18
C CYS A 12 -0.07 -4.56 3.66
N ARG A 13 1.23 -4.52 3.37
CA ARG A 13 1.95 -5.69 2.94
C ARG A 13 2.08 -6.69 4.10
N LEU A 14 2.35 -6.17 5.30
CA LEU A 14 2.51 -7.00 6.51
C LEU A 14 1.27 -7.84 6.78
N ARG A 15 0.12 -7.27 6.49
CA ARG A 15 -1.16 -7.97 6.60
C ARG A 15 -1.16 -9.20 5.70
N CYS A 16 -0.66 -9.03 4.51
CA CYS A 16 -0.57 -10.11 3.54
C CYS A 16 0.56 -11.07 3.90
N GLN A 17 1.62 -10.58 4.54
CA GLN A 17 2.77 -11.41 4.91
C GLN A 17 2.35 -12.55 5.83
N VAL A 18 1.45 -12.26 6.74
CA VAL A 18 0.99 -13.28 7.66
C VAL A 18 -0.19 -14.07 7.08
N ALA A 19 -0.99 -13.43 6.24
CA ALA A 19 -2.16 -14.08 5.69
C ALA A 19 -1.85 -14.97 4.47
N GLU A 20 -1.14 -14.43 3.51
CA GLU A 20 -0.85 -15.12 2.26
C GLU A 20 0.50 -15.82 2.33
N ARG A 21 0.63 -16.91 1.60
CA ARG A 21 1.89 -17.64 1.55
C ARG A 21 2.52 -17.56 0.18
N GLY A 22 1.75 -17.10 -0.74
CA GLY A 22 2.19 -17.06 -2.10
C GLY A 22 2.88 -15.77 -2.44
N VAL A 23 3.97 -15.87 -3.18
CA VAL A 23 4.77 -14.73 -3.56
C VAL A 23 3.99 -13.86 -4.54
N GLU A 24 3.30 -14.51 -5.47
CA GLU A 24 2.48 -13.81 -6.44
C GLU A 24 1.33 -13.08 -5.75
N GLN A 25 0.85 -13.65 -4.67
CA GLN A 25 -0.19 -13.04 -3.88
C GLN A 25 0.32 -11.81 -3.16
N GLN A 26 1.56 -11.85 -2.74
CA GLN A 26 2.17 -10.71 -2.06
C GLN A 26 2.38 -9.59 -3.07
N ARG A 27 2.78 -9.98 -4.28
CA ARG A 27 2.95 -9.04 -5.39
C ARG A 27 1.61 -8.35 -5.68
N LYS A 28 0.53 -9.13 -5.64
CA LYS A 28 -0.82 -8.59 -5.80
C LYS A 28 -1.10 -7.58 -4.72
N CYS A 29 -0.80 -7.95 -3.48
CA CYS A 29 -0.95 -7.06 -2.35
C CYS A 29 -0.19 -5.76 -2.55
N GLU A 30 1.08 -5.86 -2.95
CA GLU A 30 1.91 -4.71 -3.19
C GLU A 30 1.26 -3.76 -4.20
N GLN A 31 0.74 -4.33 -5.28
CA GLN A 31 0.07 -3.55 -6.33
C GLN A 31 -1.23 -2.92 -5.82
N VAL A 32 -2.04 -3.71 -5.12
CA VAL A 32 -3.32 -3.22 -4.58
C VAL A 32 -3.09 -2.12 -3.52
N CYS A 33 -2.07 -2.29 -2.70
CA CYS A 33 -1.73 -1.28 -1.71
C CYS A 33 -1.15 -0.05 -2.41
N GLU A 34 -0.43 -0.29 -3.51
CA GLU A 34 0.21 0.76 -4.28
C GLU A 34 -0.83 1.64 -4.98
N GLU A 35 -1.99 1.07 -5.27
CA GLU A 35 -3.12 1.81 -5.84
C GLU A 35 -3.47 3.01 -4.94
N ARG A 36 -3.48 2.81 -3.63
CA ARG A 36 -3.76 3.88 -2.67
C ARG A 36 -2.57 4.82 -2.59
N LEU A 37 -1.40 4.24 -2.61
CA LEU A 37 -0.15 4.97 -2.47
C LEU A 37 0.10 5.91 -3.61
N ARG A 38 -0.33 5.53 -4.80
CA ARG A 38 -0.21 6.37 -5.98
C ARG A 38 -1.01 7.66 -5.77
N GLU A 39 -2.18 7.50 -5.16
CA GLU A 39 -3.03 8.63 -4.86
C GLU A 39 -2.40 9.48 -3.79
N ARG A 40 -1.75 8.84 -2.83
CA ARG A 40 -1.08 9.58 -1.76
C ARG A 40 0.23 10.22 -2.19
N GLU A 41 0.85 9.73 -3.25
CA GLU A 41 2.06 10.38 -3.78
C GLU A 41 1.66 11.57 -4.63
N GLN A 42 0.41 11.54 -5.06
CA GLN A 42 -0.18 12.63 -5.78
C GLN A 42 -0.78 13.58 -4.74
N GLY A 43 -1.00 13.02 -3.56
CA GLY A 43 -1.50 13.74 -2.42
C GLY A 43 -0.38 14.39 -1.66
N ARG A 44 0.17 15.41 -2.27
CA ARG A 44 1.21 16.23 -1.67
C ARG A 44 0.56 17.35 -0.90
N GLY A 45 -0.74 17.35 -0.95
CA GLY A 45 -1.56 18.22 -0.21
C GLY A 45 -2.67 17.38 0.34
N GLU A 46 -3.41 17.87 1.28
CA GLU A 46 -4.44 17.07 1.91
C GLU A 46 -5.80 17.25 1.28
N ASP A 47 -5.84 17.91 0.14
CA ASP A 47 -7.12 18.17 -0.51
C ASP A 47 -7.57 17.02 -1.39
N VAL A 48 -6.88 15.89 -1.23
CA VAL A 48 -7.25 14.66 -1.91
C VAL A 48 -8.42 13.99 -1.17
N ASP A 49 -8.71 14.51 -0.01
CA ASP A 49 -9.80 14.03 0.79
C ASP A 49 -10.95 14.99 0.66
#